data_4PCU
#
_entry.id   4PCU
#
_cell.length_a   141.354
_cell.length_b   141.354
_cell.length_c   108.528
_cell.angle_alpha   90.000
_cell.angle_beta   90.000
_cell.angle_gamma   120.000
#
_symmetry.space_group_name_H-M   'P 31 2 1'
#
loop_
_entity.id
_entity.type
_entity.pdbx_description
1 polymer 'Cystathionine beta-synthase'
2 non-polymer 'PROTOPORPHYRIN IX CONTAINING FE'
3 non-polymer "PYRIDOXAL-5'-PHOSPHATE"
4 non-polymer S-ADENOSYLMETHIONINE
#
_entity_poly.entity_id   1
_entity_poly.type   'polypeptide(L)'
_entity_poly.pdbx_seq_one_letter_code
;MGSETPQAEVGPTGCPHRSGPHSAKGSLEKGSPEDKEAKEPLWIRPDAPSRCTWQLGRPASESPHHHTAPAKSPKILPDI
LKKIGDTPMVRINKIGKKFGLKCELLAKCEFFNAGGSVKDRISLRMIEDAERDGTLKPGDTIIEPTSGNTGIGLALAAAV
RGYRCIIVMPEKMSSEKVDVLRALGAEIVRTPTNARFDSPSSHVGVAWRLKNEIPNSHILDQYRNASNPLAHYDTTADEI
LQQCDGKLDMLVASVGTGGTITGIARKLKEKCPGCRIIGVDPEGSILAEPEELNQTEQTTYEVEGIGYDFIPTVLDRTVV
DKWFKSNDEEAFTFARMLIAQEGLLCGGSAGSTVAVAVKAAQELQEGQRCVVILPDSVRNYMTKFLSDRWMLQKGFLKEE
DLTEKKPWWWHLRVQELGLSAPLTVLPTITCGHTIEILREKGFDQAPVVDEAGVILGMVTLGNMLSSLLAGKVQPSDQVG
KVIYKQFKQIRLTDTLGRLSHILEMDHFALVVHEQQRQMVFGVVTAIDLLNFVAAQERDQKELHHHHHH
;
_entity_poly.pdbx_strand_id   A,B
#
# COMPACT_ATOMS: atom_id res chain seq x y z
N TRP A 43 4.40 31.75 -14.46
CA TRP A 43 4.28 30.30 -14.58
C TRP A 43 4.90 29.79 -15.87
N ILE A 44 5.59 28.66 -15.80
CA ILE A 44 6.18 28.02 -16.97
C ILE A 44 5.49 26.70 -17.27
N ARG A 45 5.25 26.42 -18.55
CA ARG A 45 4.57 25.20 -18.98
C ARG A 45 5.53 24.01 -18.93
N PRO A 46 5.06 22.86 -18.42
CA PRO A 46 5.90 21.67 -18.33
C PRO A 46 6.18 21.04 -19.70
N ASP A 47 5.27 21.25 -20.65
CA ASP A 47 5.42 20.66 -21.97
C ASP A 47 6.26 21.51 -22.91
N ALA A 48 6.84 22.59 -22.38
CA ALA A 48 7.66 23.49 -23.20
C ALA A 48 8.82 22.73 -23.82
N PRO A 49 9.06 22.95 -25.12
CA PRO A 49 10.12 22.26 -25.88
C PRO A 49 11.49 22.35 -25.21
N SER A 50 12.28 21.29 -25.34
CA SER A 50 13.58 21.21 -24.69
C SER A 50 14.63 22.03 -25.41
N ARG A 51 15.41 22.77 -24.64
CA ARG A 51 16.47 23.60 -25.19
C ARG A 51 17.82 22.89 -25.13
N CYS A 52 17.83 21.62 -24.68
CA CYS A 52 19.11 20.89 -24.59
C CYS A 52 19.76 20.70 -25.93
N THR A 53 21.05 21.00 -25.99
CA THR A 53 21.82 20.84 -27.21
C THR A 53 22.55 19.51 -27.29
N TRP A 54 22.37 18.65 -26.29
CA TRP A 54 22.94 17.30 -26.31
C TRP A 54 22.61 16.64 -27.63
N GLN A 55 23.63 16.04 -28.25
CA GLN A 55 23.43 15.29 -29.47
C GLN A 55 24.32 14.06 -29.42
N LEU A 56 23.81 12.95 -29.93
CA LEU A 56 24.55 11.69 -29.93
C LEU A 56 25.86 11.86 -30.70
N GLY A 57 26.96 11.51 -30.03
CA GLY A 57 28.28 11.67 -30.62
C GLY A 57 29.09 12.77 -29.95
N ARG A 58 28.40 13.70 -29.29
CA ARG A 58 29.07 14.78 -28.58
C ARG A 58 29.78 14.27 -27.35
N PRO A 59 31.07 14.61 -27.18
CA PRO A 59 31.84 14.14 -26.03
C PRO A 59 31.27 14.66 -24.71
N ALA A 60 31.48 13.92 -23.63
CA ALA A 60 30.92 14.25 -22.33
C ALA A 60 31.62 15.46 -21.68
N SER A 61 32.77 15.84 -22.22
CA SER A 61 33.51 17.00 -21.71
C SER A 61 32.80 18.32 -22.02
N GLU A 62 31.86 18.29 -22.97
CA GLU A 62 31.17 19.50 -23.39
C GLU A 62 29.94 19.82 -22.53
N SER A 63 29.53 18.89 -21.68
CA SER A 63 28.30 19.06 -20.90
C SER A 63 28.41 20.15 -19.84
N PRO A 64 27.46 21.09 -19.83
CA PRO A 64 27.43 22.20 -18.88
C PRO A 64 26.84 21.81 -17.53
N HIS A 65 26.16 20.67 -17.48
CA HIS A 65 25.51 20.23 -16.25
C HIS A 65 26.50 19.66 -15.24
N HIS A 66 26.01 19.41 -14.03
CA HIS A 66 26.80 18.76 -13.00
C HIS A 66 26.56 17.27 -13.07
N HIS A 67 27.62 16.49 -12.92
CA HIS A 67 27.52 15.03 -13.03
C HIS A 67 28.05 14.31 -11.79
N THR A 68 27.22 13.45 -11.22
CA THR A 68 27.63 12.60 -10.11
C THR A 68 28.00 11.21 -10.62
N ALA A 69 28.35 10.31 -9.70
CA ALA A 69 28.68 8.92 -10.05
C ALA A 69 28.02 7.98 -9.03
N PRO A 70 27.80 6.71 -9.42
CA PRO A 70 27.29 5.73 -8.46
C PRO A 70 28.22 5.63 -7.26
N ALA A 71 27.67 5.47 -6.06
CA ALA A 71 28.45 5.56 -4.83
C ALA A 71 28.64 4.23 -4.08
N LYS A 72 29.89 3.98 -3.72
CA LYS A 72 30.22 2.94 -2.76
C LYS A 72 29.49 3.25 -1.47
N SER A 73 28.70 2.29 -0.99
CA SER A 73 27.91 2.49 0.23
C SER A 73 28.65 2.05 1.49
N PRO A 74 28.42 2.74 2.61
CA PRO A 74 29.16 2.46 3.85
C PRO A 74 28.68 1.19 4.57
N LYS A 75 29.42 0.78 5.59
CA LYS A 75 28.97 -0.27 6.50
C LYS A 75 27.77 0.27 7.26
N ILE A 76 27.94 1.43 7.86
CA ILE A 76 26.87 2.10 8.59
C ILE A 76 26.39 3.31 7.81
N LEU A 77 25.11 3.35 7.48
CA LEU A 77 24.54 4.49 6.76
C LEU A 77 24.35 5.66 7.73
N PRO A 78 24.81 6.87 7.34
CA PRO A 78 24.64 8.05 8.18
C PRO A 78 23.17 8.48 8.27
N ASP A 79 22.42 8.25 7.20
CA ASP A 79 20.97 8.44 7.22
C ASP A 79 20.33 7.50 6.21
N ILE A 80 19.00 7.40 6.25
CA ILE A 80 18.28 6.47 5.38
C ILE A 80 18.40 6.83 3.89
N LEU A 81 18.68 8.11 3.60
CA LEU A 81 18.74 8.59 2.23
C LEU A 81 19.91 7.99 1.45
N LYS A 82 20.90 7.45 2.17
CA LYS A 82 22.03 6.78 1.54
C LYS A 82 21.65 5.40 0.99
N LYS A 83 20.46 4.93 1.36
CA LYS A 83 19.97 3.63 0.87
C LYS A 83 19.39 3.74 -0.54
N ILE A 84 19.21 4.96 -1.01
CA ILE A 84 18.71 5.21 -2.35
C ILE A 84 19.79 4.94 -3.39
N GLY A 85 19.51 4.05 -4.34
CA GLY A 85 20.49 3.63 -5.33
C GLY A 85 21.08 2.25 -5.07
N ASP A 86 21.99 1.84 -5.95
CA ASP A 86 22.59 0.49 -5.90
C ASP A 86 21.53 -0.59 -5.82
N THR A 87 20.45 -0.41 -6.59
CA THR A 87 19.34 -1.37 -6.58
C THR A 87 19.74 -2.67 -7.24
N PRO A 88 19.18 -3.79 -6.74
CA PRO A 88 19.55 -5.13 -7.23
C PRO A 88 18.97 -5.47 -8.60
N MET A 89 19.70 -6.27 -9.36
CA MET A 89 19.23 -6.77 -10.64
C MET A 89 18.87 -8.25 -10.49
N VAL A 90 17.59 -8.57 -10.65
CA VAL A 90 17.11 -9.94 -10.43
C VAL A 90 16.70 -10.62 -11.73
N ARG A 91 17.27 -11.78 -12.02
CA ARG A 91 16.91 -12.51 -13.24
C ARG A 91 15.49 -13.05 -13.15
N ILE A 92 14.75 -12.94 -14.26
CA ILE A 92 13.40 -13.50 -14.35
C ILE A 92 13.47 -14.89 -14.96
N ASN A 93 13.23 -15.91 -14.14
CA ASN A 93 13.44 -17.30 -14.54
C ASN A 93 12.21 -17.96 -15.15
N LYS A 94 11.04 -17.68 -14.59
CA LYS A 94 9.82 -18.36 -14.99
C LYS A 94 9.08 -17.67 -16.15
N ILE A 95 8.67 -16.43 -15.91
CA ILE A 95 7.81 -15.70 -16.85
C ILE A 95 8.46 -15.54 -18.23
N GLY A 96 9.78 -15.42 -18.26
CA GLY A 96 10.50 -15.32 -19.51
C GLY A 96 10.29 -16.55 -20.38
N LYS A 97 10.55 -17.72 -19.80
CA LYS A 97 10.46 -18.97 -20.52
C LYS A 97 9.03 -19.38 -20.81
N LYS A 98 8.11 -19.04 -19.91
CA LYS A 98 6.69 -19.38 -20.08
C LYS A 98 6.11 -18.79 -21.37
N PHE A 99 6.55 -17.59 -21.72
CA PHE A 99 6.07 -16.93 -22.93
C PHE A 99 6.98 -17.14 -24.15
N GLY A 100 8.05 -17.90 -23.93
CA GLY A 100 8.86 -18.38 -25.04
C GLY A 100 10.06 -17.52 -25.39
N LEU A 101 10.55 -16.75 -24.42
CA LEU A 101 11.75 -15.95 -24.65
C LEU A 101 12.99 -16.83 -24.64
N LYS A 102 13.81 -16.70 -25.69
CA LYS A 102 15.04 -17.47 -25.82
C LYS A 102 16.17 -16.77 -25.08
N CYS A 103 15.95 -15.50 -24.78
CA CYS A 103 16.99 -14.63 -24.21
C CYS A 103 17.03 -14.69 -22.69
N GLU A 104 17.86 -13.85 -22.11
CA GLU A 104 17.91 -13.65 -20.67
C GLU A 104 17.12 -12.39 -20.32
N LEU A 105 16.22 -12.49 -19.34
CA LEU A 105 15.42 -11.35 -18.93
C LEU A 105 15.74 -10.93 -17.50
N LEU A 106 16.37 -9.76 -17.35
CA LEU A 106 16.71 -9.24 -16.03
C LEU A 106 15.75 -8.14 -15.61
N ALA A 107 15.68 -7.89 -14.31
CA ALA A 107 14.76 -6.88 -13.78
C ALA A 107 15.46 -5.95 -12.81
N LYS A 108 15.42 -4.64 -13.12
CA LYS A 108 15.98 -3.61 -12.27
C LYS A 108 14.93 -3.14 -11.28
N CYS A 109 15.10 -3.54 -10.02
CA CYS A 109 14.09 -3.35 -9.00
C CYS A 109 14.30 -2.09 -8.19
N GLU A 110 13.49 -1.07 -8.49
CA GLU A 110 13.64 0.22 -7.82
C GLU A 110 12.78 0.31 -6.57
N PHE A 111 12.01 -0.75 -6.29
CA PHE A 111 11.16 -0.75 -5.10
C PHE A 111 11.94 -1.13 -3.84
N PHE A 112 13.23 -1.37 -4.01
CA PHE A 112 14.10 -1.60 -2.87
C PHE A 112 14.74 -0.31 -2.37
N ASN A 113 14.41 0.81 -3.03
CA ASN A 113 14.80 2.14 -2.56
C ASN A 113 14.11 2.45 -1.25
N ALA A 114 14.73 3.30 -0.43
CA ALA A 114 14.26 3.58 0.92
C ALA A 114 12.80 4.04 1.01
N GLY A 115 12.28 4.61 -0.08
CA GLY A 115 10.90 5.05 -0.11
C GLY A 115 10.01 4.06 -0.85
N GLY A 116 10.63 3.11 -1.54
CA GLY A 116 9.89 2.07 -2.25
C GLY A 116 9.44 2.49 -3.63
N SER A 117 10.24 3.31 -4.29
CA SER A 117 9.95 3.79 -5.64
C SER A 117 11.20 4.33 -6.33
N VAL A 118 11.14 4.48 -7.64
CA VAL A 118 12.27 4.96 -8.42
C VAL A 118 12.50 6.46 -8.16
N LYS A 119 11.43 7.15 -7.78
CA LYS A 119 11.47 8.60 -7.63
C LYS A 119 12.37 9.06 -6.49
N ASP A 120 12.69 8.14 -5.59
CA ASP A 120 13.60 8.45 -4.50
C ASP A 120 14.95 8.87 -5.07
N ARG A 121 15.27 8.37 -6.25
CA ARG A 121 16.49 8.76 -6.94
C ARG A 121 16.46 10.24 -7.27
N ILE A 122 15.35 10.71 -7.83
CA ILE A 122 15.29 12.09 -8.30
C ILE A 122 14.96 13.06 -7.17
N SER A 123 14.07 12.64 -6.28
CA SER A 123 13.74 13.42 -5.09
C SER A 123 15.01 13.79 -4.34
N LEU A 124 15.97 12.88 -4.30
CA LEU A 124 17.28 13.17 -3.74
C LEU A 124 18.00 14.17 -4.63
N ARG A 125 18.18 13.80 -5.90
CA ARG A 125 18.98 14.59 -6.81
C ARG A 125 18.49 16.03 -6.90
N MET A 126 17.22 16.20 -7.27
CA MET A 126 16.61 17.53 -7.41
C MET A 126 16.89 18.37 -6.18
N ILE A 127 16.92 17.74 -5.01
CA ILE A 127 17.16 18.48 -3.79
C ILE A 127 18.64 18.77 -3.62
N GLU A 128 19.46 17.73 -3.79
CA GLU A 128 20.91 17.86 -3.62
C GLU A 128 21.52 18.90 -4.55
N ASP A 129 20.91 19.06 -5.73
CA ASP A 129 21.33 20.10 -6.65
C ASP A 129 20.93 21.46 -6.12
N ALA A 130 19.65 21.59 -5.76
CA ALA A 130 19.13 22.86 -5.27
C ALA A 130 19.91 23.30 -4.04
N GLU A 131 20.13 22.36 -3.12
CA GLU A 131 20.95 22.63 -1.94
C GLU A 131 22.31 23.18 -2.29
N ARG A 132 22.91 22.63 -3.36
CA ARG A 132 24.20 23.13 -3.80
C ARG A 132 24.05 24.50 -4.42
N ASP A 133 23.01 24.66 -5.24
CA ASP A 133 22.85 25.87 -6.04
C ASP A 133 22.71 27.11 -5.17
N GLY A 134 22.26 26.91 -3.94
CA GLY A 134 21.95 28.01 -3.07
C GLY A 134 20.50 28.37 -3.26
N THR A 135 19.83 27.61 -4.12
CA THR A 135 18.41 27.80 -4.35
C THR A 135 17.65 27.32 -3.13
N LEU A 136 18.14 26.24 -2.51
CA LEU A 136 17.47 25.63 -1.37
C LEU A 136 18.18 25.90 -0.06
N LYS A 137 17.46 26.54 0.87
CA LYS A 137 18.00 26.89 2.18
C LYS A 137 17.46 25.95 3.26
N PRO A 138 18.17 25.85 4.39
CA PRO A 138 17.66 25.11 5.55
C PRO A 138 16.38 25.73 6.10
N GLY A 139 15.35 24.90 6.27
CA GLY A 139 14.08 25.36 6.83
C GLY A 139 13.11 25.79 5.77
N ASP A 140 13.48 25.61 4.51
CA ASP A 140 12.65 26.03 3.39
C ASP A 140 11.45 25.11 3.17
N THR A 141 10.58 25.50 2.25
CA THR A 141 9.41 24.73 1.93
C THR A 141 9.53 24.20 0.50
N ILE A 142 9.33 22.91 0.34
CA ILE A 142 9.30 22.33 -0.99
C ILE A 142 7.87 22.01 -1.38
N ILE A 143 7.35 22.78 -2.32
CA ILE A 143 6.03 22.53 -2.84
C ILE A 143 6.17 21.73 -4.12
N GLU A 144 5.48 20.61 -4.19
CA GLU A 144 5.38 19.87 -5.44
C GLU A 144 3.92 19.49 -5.69
N PRO A 145 3.44 19.71 -6.92
CA PRO A 145 2.06 19.47 -7.31
C PRO A 145 1.78 18.02 -7.72
N THR A 146 2.75 17.13 -7.56
CA THR A 146 2.54 15.75 -7.95
C THR A 146 1.86 14.97 -6.84
N SER A 147 1.00 14.04 -7.23
CA SER A 147 0.41 13.09 -6.29
C SER A 147 1.15 11.76 -6.43
N GLY A 148 2.10 11.73 -7.34
CA GLY A 148 2.85 10.52 -7.63
C GLY A 148 3.84 10.18 -6.53
N ASN A 149 4.70 9.20 -6.81
CA ASN A 149 5.73 8.75 -5.88
C ASN A 149 6.71 9.85 -5.52
N THR A 150 6.77 10.87 -6.36
CA THR A 150 7.69 11.97 -6.13
C THR A 150 7.37 12.65 -4.81
N GLY A 151 6.08 12.79 -4.52
CA GLY A 151 5.66 13.37 -3.24
C GLY A 151 6.16 12.58 -2.05
N ILE A 152 6.19 11.26 -2.19
CA ILE A 152 6.72 10.40 -1.14
C ILE A 152 8.22 10.60 -0.98
N GLY A 153 8.96 10.48 -2.07
CA GLY A 153 10.41 10.66 -2.04
C GLY A 153 10.81 12.01 -1.46
N LEU A 154 10.09 13.04 -1.90
CA LEU A 154 10.34 14.42 -1.50
C LEU A 154 9.98 14.63 -0.04
N ALA A 155 8.85 14.06 0.40
CA ALA A 155 8.41 14.21 1.77
C ALA A 155 9.37 13.50 2.70
N LEU A 156 9.99 12.44 2.20
CA LEU A 156 10.92 11.66 2.98
C LEU A 156 12.20 12.47 3.15
N ALA A 157 12.76 12.92 2.02
CA ALA A 157 13.98 13.72 2.06
C ALA A 157 13.80 15.01 2.88
N ALA A 158 12.61 15.59 2.78
CA ALA A 158 12.25 16.80 3.53
C ALA A 158 12.14 16.49 5.01
N ALA A 159 11.58 15.33 5.33
CA ALA A 159 11.42 14.90 6.72
C ALA A 159 12.77 14.66 7.36
N VAL A 160 13.67 14.01 6.61
CA VAL A 160 15.02 13.75 7.09
C VAL A 160 15.81 15.03 7.29
N ARG A 161 15.72 15.94 6.31
CA ARG A 161 16.54 17.15 6.33
C ARG A 161 15.85 18.38 6.91
N GLY A 162 14.63 18.21 7.41
CA GLY A 162 13.94 19.30 8.10
C GLY A 162 13.33 20.38 7.24
N TYR A 163 12.96 20.03 6.01
CA TYR A 163 12.22 20.93 5.15
C TYR A 163 10.72 20.71 5.34
N ARG A 164 9.94 21.79 5.33
CA ARG A 164 8.50 21.68 5.27
C ARG A 164 8.16 21.21 3.86
N CYS A 165 7.26 20.24 3.75
CA CYS A 165 6.88 19.73 2.44
C CYS A 165 5.41 19.96 2.19
N ILE A 166 5.08 20.45 1.01
CA ILE A 166 3.70 20.65 0.61
C ILE A 166 3.42 19.90 -0.68
N ILE A 167 2.55 18.90 -0.59
CA ILE A 167 2.13 18.14 -1.74
C ILE A 167 0.73 18.56 -2.14
N VAL A 168 0.59 18.95 -3.40
CA VAL A 168 -0.69 19.41 -3.91
C VAL A 168 -1.26 18.39 -4.90
N MET A 169 -2.51 17.98 -4.71
CA MET A 169 -3.07 16.92 -5.53
C MET A 169 -4.59 16.92 -5.55
N PRO A 170 -5.21 16.12 -6.47
CA PRO A 170 -6.66 15.95 -6.45
C PRO A 170 -7.22 15.42 -5.12
N GLU A 171 -8.54 15.32 -5.02
CA GLU A 171 -9.21 15.04 -3.75
C GLU A 171 -9.59 13.59 -3.50
N LYS A 172 -9.46 12.75 -4.53
CA LYS A 172 -9.74 11.34 -4.35
C LYS A 172 -8.55 10.67 -3.68
N MET A 173 -7.48 10.50 -4.46
CA MET A 173 -6.17 10.10 -3.97
C MET A 173 -6.12 8.94 -2.98
N SER A 174 -6.22 7.70 -3.50
CA SER A 174 -6.23 6.46 -2.73
C SER A 174 -5.36 6.45 -1.45
N SER A 175 -5.99 6.07 -0.35
CA SER A 175 -5.48 6.28 1.00
C SER A 175 -4.03 5.93 1.31
N GLU A 176 -3.46 4.93 0.62
CA GLU A 176 -2.09 4.50 0.89
C GLU A 176 -1.09 5.67 0.81
N LYS A 177 -1.02 6.28 -0.36
CA LYS A 177 -0.12 7.39 -0.62
C LYS A 177 -0.35 8.53 0.36
N VAL A 178 -1.62 8.88 0.55
CA VAL A 178 -2.00 9.97 1.44
C VAL A 178 -1.56 9.74 2.89
N ASP A 179 -1.70 8.50 3.36
CA ASP A 179 -1.32 8.15 4.71
C ASP A 179 0.20 8.15 4.87
N VAL A 180 0.90 7.70 3.84
CA VAL A 180 2.37 7.77 3.85
C VAL A 180 2.85 9.22 3.94
N LEU A 181 2.24 10.08 3.14
CA LEU A 181 2.60 11.50 3.13
C LEU A 181 2.33 12.17 4.47
N ARG A 182 1.10 12.04 4.98
CA ARG A 182 0.77 12.62 6.28
C ARG A 182 1.67 12.08 7.39
N ALA A 183 2.05 10.80 7.29
CA ALA A 183 2.95 10.18 8.26
C ALA A 183 4.38 10.75 8.21
N LEU A 184 4.85 11.05 7.00
CA LEU A 184 6.19 11.61 6.82
C LEU A 184 6.28 13.08 7.25
N GLY A 185 5.12 13.69 7.53
CA GLY A 185 5.09 15.07 7.99
C GLY A 185 4.68 16.06 6.92
N ALA A 186 4.49 15.56 5.70
CA ALA A 186 4.08 16.40 4.59
C ALA A 186 2.66 16.91 4.77
N GLU A 187 2.33 17.98 4.05
CA GLU A 187 1.01 18.61 4.14
C GLU A 187 0.34 18.59 2.79
N ILE A 188 -0.96 18.30 2.78
CA ILE A 188 -1.67 18.03 1.54
C ILE A 188 -2.65 19.14 1.19
N VAL A 189 -2.73 19.48 -0.08
CA VAL A 189 -3.74 20.40 -0.58
C VAL A 189 -4.63 19.70 -1.62
N ARG A 190 -5.91 19.57 -1.31
CA ARG A 190 -6.87 18.96 -2.24
C ARG A 190 -7.32 19.96 -3.30
N THR A 191 -7.12 19.60 -4.56
CA THR A 191 -7.47 20.47 -5.67
C THR A 191 -8.53 19.84 -6.56
N PRO A 192 -9.81 20.15 -6.28
CA PRO A 192 -10.93 19.64 -7.09
C PRO A 192 -10.74 19.85 -8.59
N ALA A 195 -8.88 18.66 -10.93
CA ALA A 195 -7.96 18.19 -11.96
C ALA A 195 -8.28 18.79 -13.34
N ARG A 196 -7.31 19.54 -13.87
CA ARG A 196 -7.30 19.98 -15.27
C ARG A 196 -5.91 20.55 -15.55
N PHE A 197 -5.29 20.10 -16.64
CA PHE A 197 -3.85 20.26 -16.82
C PHE A 197 -3.34 21.72 -16.85
N ASP A 198 -3.98 22.56 -17.64
CA ASP A 198 -3.58 23.97 -17.79
C ASP A 198 -4.56 24.93 -17.12
N SER A 199 -5.40 24.41 -16.24
CA SER A 199 -6.42 25.20 -15.53
C SER A 199 -5.78 26.19 -14.55
N PRO A 200 -6.53 27.24 -14.14
CA PRO A 200 -6.01 28.12 -13.09
C PRO A 200 -6.20 27.53 -11.70
N SER A 201 -7.26 26.76 -11.52
CA SER A 201 -7.52 26.04 -10.27
C SER A 201 -7.36 24.55 -10.50
N SER A 202 -6.15 24.05 -10.32
CA SER A 202 -5.83 22.65 -10.61
C SER A 202 -4.84 22.11 -9.60
N HIS A 203 -4.28 20.94 -9.88
CA HIS A 203 -3.27 20.36 -8.99
C HIS A 203 -1.92 21.08 -9.12
N VAL A 204 -1.74 21.82 -10.21
CA VAL A 204 -0.44 22.41 -10.53
C VAL A 204 -0.37 23.94 -10.37
N GLY A 205 -1.33 24.64 -10.96
CA GLY A 205 -1.34 26.10 -10.91
C GLY A 205 -1.43 26.65 -9.50
N VAL A 206 -2.26 26.00 -8.67
CA VAL A 206 -2.42 26.45 -7.30
C VAL A 206 -1.16 26.23 -6.47
N ALA A 207 -0.33 25.27 -6.88
CA ALA A 207 0.95 25.05 -6.22
C ALA A 207 1.87 26.22 -6.51
N TRP A 208 1.76 26.78 -7.71
CA TRP A 208 2.54 27.94 -8.11
C TRP A 208 2.03 29.17 -7.38
N ARG A 209 0.72 29.22 -7.17
CA ARG A 209 0.09 30.28 -6.38
C ARG A 209 0.60 30.26 -4.95
N LEU A 210 0.72 29.07 -4.38
CA LEU A 210 1.28 28.92 -3.05
C LEU A 210 2.76 29.28 -3.05
N LYS A 211 3.46 28.88 -4.11
CA LYS A 211 4.88 29.13 -4.26
C LYS A 211 5.15 30.63 -4.21
N ASN A 212 4.30 31.38 -4.89
CA ASN A 212 4.41 32.84 -4.87
C ASN A 212 3.98 33.42 -3.52
N GLU A 213 2.92 32.87 -2.94
CA GLU A 213 2.38 33.38 -1.68
C GLU A 213 3.21 33.00 -0.45
N ILE A 214 3.86 31.83 -0.50
CA ILE A 214 4.62 31.35 0.66
C ILE A 214 6.10 31.68 0.56
N PRO A 215 6.67 32.28 1.63
CA PRO A 215 8.10 32.60 1.68
C PRO A 215 8.99 31.36 1.62
N ASN A 216 10.14 31.50 0.98
CA ASN A 216 11.14 30.42 0.88
C ASN A 216 10.64 29.15 0.21
N SER A 217 9.51 29.23 -0.48
CA SER A 217 8.94 28.05 -1.12
C SER A 217 9.52 27.84 -2.51
N HIS A 218 9.79 26.59 -2.86
CA HIS A 218 10.30 26.28 -4.20
C HIS A 218 9.51 25.17 -4.84
N ILE A 219 9.42 25.19 -6.17
CA ILE A 219 8.87 24.08 -6.91
C ILE A 219 9.96 23.50 -7.79
N LEU A 220 10.30 22.23 -7.53
CA LEU A 220 11.39 21.58 -8.24
C LEU A 220 10.98 21.19 -9.67
N ASP A 221 9.68 20.98 -9.86
CA ASP A 221 9.10 20.72 -11.18
C ASP A 221 9.74 19.52 -11.87
N GLN A 222 9.34 18.32 -11.47
CA GLN A 222 9.91 17.06 -11.96
C GLN A 222 9.82 16.90 -13.48
N TYR A 223 8.89 17.61 -14.09
CA TYR A 223 8.69 17.54 -15.54
C TYR A 223 9.74 18.35 -16.30
N ARG A 224 10.11 19.50 -15.75
CA ARG A 224 11.03 20.42 -16.42
C ARG A 224 12.46 20.34 -15.91
N ASN A 225 12.65 19.79 -14.71
CA ASN A 225 13.96 19.78 -14.08
C ASN A 225 14.94 18.79 -14.71
N ALA A 226 16.13 19.27 -15.05
CA ALA A 226 17.15 18.46 -15.71
C ALA A 226 17.75 17.45 -14.74
N SER A 227 17.56 17.70 -13.45
CA SER A 227 18.04 16.80 -12.42
C SER A 227 17.38 15.45 -12.51
N ASN A 228 16.12 15.44 -12.98
CA ASN A 228 15.37 14.20 -13.14
C ASN A 228 16.05 13.22 -14.11
N PRO A 229 16.22 13.59 -15.39
CA PRO A 229 16.91 12.65 -16.26
C PRO A 229 18.41 12.55 -15.97
N LEU A 230 19.00 13.58 -15.36
CA LEU A 230 20.42 13.49 -15.03
C LEU A 230 20.68 12.46 -13.92
N ALA A 231 19.70 12.28 -13.04
CA ALA A 231 19.83 11.31 -11.97
C ALA A 231 20.04 9.91 -12.55
N HIS A 232 19.23 9.56 -13.53
CA HIS A 232 19.32 8.25 -14.16
C HIS A 232 20.47 8.15 -15.14
N TYR A 233 20.80 9.28 -15.79
CA TYR A 233 21.93 9.31 -16.70
C TYR A 233 23.23 9.02 -15.96
N ASP A 234 23.41 9.67 -14.82
CA ASP A 234 24.64 9.55 -14.04
C ASP A 234 24.72 8.25 -13.25
N THR A 235 23.63 7.90 -12.56
CA THR A 235 23.66 6.77 -11.65
C THR A 235 23.05 5.47 -12.21
N THR A 236 21.73 5.47 -12.37
CA THR A 236 21.00 4.27 -12.77
C THR A 236 21.60 3.57 -13.99
N ALA A 237 21.86 4.31 -15.05
CA ALA A 237 22.41 3.73 -16.27
C ALA A 237 23.83 3.18 -16.07
N ASP A 238 24.58 3.79 -15.17
CA ASP A 238 25.90 3.29 -14.83
C ASP A 238 25.81 2.01 -14.00
N GLU A 239 24.81 1.93 -13.13
CA GLU A 239 24.56 0.71 -12.36
C GLU A 239 24.22 -0.41 -13.32
N ILE A 240 23.25 -0.17 -14.20
CA ILE A 240 22.86 -1.15 -15.20
C ILE A 240 24.06 -1.60 -16.04
N LEU A 241 24.94 -0.69 -16.40
CA LEU A 241 26.11 -1.07 -17.19
C LEU A 241 27.15 -1.84 -16.37
N GLN A 242 27.25 -1.55 -15.08
CA GLN A 242 28.19 -2.26 -14.21
C GLN A 242 27.72 -3.68 -13.97
N GLN A 243 26.46 -3.82 -13.57
CA GLN A 243 25.85 -5.10 -13.25
C GLN A 243 25.79 -6.01 -14.48
N CYS A 244 25.65 -5.43 -15.66
CA CYS A 244 25.57 -6.21 -16.89
C CYS A 244 26.91 -6.30 -17.63
N ASP A 245 27.98 -5.87 -16.96
CA ASP A 245 29.32 -5.89 -17.53
C ASP A 245 29.43 -5.18 -18.89
N GLY A 246 28.59 -4.17 -19.10
CA GLY A 246 28.64 -3.38 -20.30
C GLY A 246 27.95 -3.99 -21.50
N LYS A 247 27.29 -5.12 -21.28
CA LYS A 247 26.64 -5.84 -22.38
C LYS A 247 25.16 -6.12 -22.09
N LEU A 248 24.30 -5.49 -22.88
CA LEU A 248 22.87 -5.82 -22.91
C LEU A 248 22.32 -5.40 -24.27
N ASP A 249 21.34 -6.15 -24.78
CA ASP A 249 20.88 -5.96 -26.14
C ASP A 249 19.51 -5.29 -26.25
N MET A 250 18.88 -5.03 -25.10
CA MET A 250 17.59 -4.35 -25.09
C MET A 250 17.29 -3.83 -23.69
N LEU A 251 16.63 -2.69 -23.64
CA LEU A 251 16.13 -2.16 -22.38
C LEU A 251 14.68 -1.71 -22.54
N VAL A 252 13.81 -2.18 -21.66
CA VAL A 252 12.40 -1.84 -21.74
C VAL A 252 12.01 -1.04 -20.50
N ALA A 253 11.45 0.14 -20.76
CA ALA A 253 11.05 1.02 -19.66
C ALA A 253 9.68 1.66 -19.88
N SER A 254 8.91 1.78 -18.82
CA SER A 254 7.61 2.44 -18.89
C SER A 254 7.86 3.93 -18.78
N VAL A 255 7.05 4.70 -19.50
CA VAL A 255 7.27 6.14 -19.62
C VAL A 255 6.30 6.96 -18.77
N GLY A 256 6.85 7.72 -17.83
CA GLY A 256 6.08 8.66 -17.04
C GLY A 256 6.41 10.07 -17.46
N THR A 257 7.11 10.81 -16.61
CA THR A 257 7.64 12.11 -16.99
C THR A 257 8.66 11.92 -18.10
N GLY A 258 9.47 10.87 -17.97
CA GLY A 258 10.35 10.47 -19.06
C GLY A 258 11.82 10.67 -18.78
N GLY A 259 12.12 11.17 -17.58
CA GLY A 259 13.51 11.41 -17.21
C GLY A 259 14.31 10.12 -17.18
N THR A 260 13.72 9.09 -16.60
CA THR A 260 14.36 7.77 -16.46
C THR A 260 14.79 7.23 -17.80
N ILE A 261 13.81 6.89 -18.64
CA ILE A 261 14.08 6.34 -19.97
C ILE A 261 14.99 7.24 -20.81
N THR A 262 14.87 8.56 -20.64
CA THR A 262 15.71 9.49 -21.39
C THR A 262 17.17 9.36 -20.98
N GLY A 263 17.46 9.58 -19.70
CA GLY A 263 18.83 9.56 -19.21
C GLY A 263 19.50 8.22 -19.47
N ILE A 264 18.75 7.17 -19.23
CA ILE A 264 19.24 5.82 -19.47
C ILE A 264 19.55 5.61 -20.95
N ALA A 265 18.57 5.89 -21.82
CA ALA A 265 18.75 5.70 -23.25
C ALA A 265 19.91 6.49 -23.81
N ARG A 266 20.15 7.68 -23.25
CA ARG A 266 21.27 8.53 -23.68
C ARG A 266 22.63 7.92 -23.30
N LYS A 267 22.75 7.56 -22.02
CA LYS A 267 23.97 6.92 -21.53
C LYS A 267 24.28 5.61 -22.28
N LEU A 268 23.22 4.84 -22.55
CA LEU A 268 23.37 3.59 -23.27
C LEU A 268 23.74 3.81 -24.74
N LYS A 269 22.98 4.64 -25.44
CA LYS A 269 23.27 5.00 -26.83
C LYS A 269 24.72 5.45 -26.99
N GLU A 270 25.23 6.14 -25.97
CA GLU A 270 26.63 6.54 -25.97
C GLU A 270 27.58 5.34 -25.79
N LYS A 271 27.42 4.62 -24.68
CA LYS A 271 28.39 3.58 -24.31
C LYS A 271 28.05 2.15 -24.73
N CYS A 272 26.82 1.94 -25.18
CA CYS A 272 26.38 0.63 -25.66
C CYS A 272 25.42 0.81 -26.83
N PRO A 273 25.97 1.02 -28.03
CA PRO A 273 25.20 1.40 -29.22
C PRO A 273 24.16 0.36 -29.63
N GLY A 274 24.54 -0.91 -29.59
CA GLY A 274 23.68 -2.00 -30.05
C GLY A 274 22.38 -2.14 -29.29
N CYS A 275 22.39 -1.74 -28.02
CA CYS A 275 21.21 -1.80 -27.18
C CYS A 275 20.04 -1.02 -27.77
N ARG A 276 18.91 -1.69 -27.94
CA ARG A 276 17.69 -1.01 -28.37
C ARG A 276 16.87 -0.56 -27.17
N ILE A 277 16.30 0.62 -27.25
CA ILE A 277 15.49 1.14 -26.16
C ILE A 277 14.01 1.07 -26.53
N ILE A 278 13.24 0.42 -25.67
CA ILE A 278 11.81 0.23 -25.90
C ILE A 278 10.99 0.98 -24.85
N GLY A 279 10.16 1.91 -25.32
CA GLY A 279 9.31 2.70 -24.43
C GLY A 279 7.91 2.13 -24.32
N VAL A 280 7.32 2.26 -23.14
CA VAL A 280 5.98 1.76 -22.90
C VAL A 280 5.01 2.88 -22.55
N ASP A 281 3.86 2.91 -23.22
CA ASP A 281 2.87 3.96 -23.00
C ASP A 281 1.49 3.33 -22.84
N PRO A 282 0.74 3.78 -21.83
CA PRO A 282 -0.63 3.25 -21.70
C PRO A 282 -1.51 3.78 -22.81
N GLU A 283 -2.66 3.17 -23.03
CA GLU A 283 -3.63 3.71 -23.98
C GLU A 283 -4.32 4.90 -23.33
N GLY A 284 -4.49 5.97 -24.11
CA GLY A 284 -5.05 7.20 -23.59
C GLY A 284 -3.96 8.24 -23.38
N SER A 285 -2.72 7.81 -23.61
CA SER A 285 -1.57 8.69 -23.54
C SER A 285 -1.08 8.98 -24.95
N ILE A 286 -0.58 10.19 -25.19
CA ILE A 286 -0.08 10.56 -26.50
C ILE A 286 1.45 10.53 -26.60
N LEU A 287 2.10 10.09 -25.52
CA LEU A 287 3.57 10.06 -25.44
C LEU A 287 4.22 9.19 -26.50
N ALA A 288 3.56 8.10 -26.88
CA ALA A 288 4.15 7.13 -27.80
C ALA A 288 4.20 7.62 -29.25
N GLU A 289 5.20 7.15 -29.99
CA GLU A 289 5.37 7.48 -31.40
C GLU A 289 5.42 6.21 -32.24
N PRO A 290 4.85 6.24 -33.45
CA PRO A 290 4.17 7.36 -34.11
C PRO A 290 2.78 7.64 -33.52
N GLU A 291 2.17 8.74 -33.93
CA GLU A 291 0.90 9.19 -33.37
C GLU A 291 -0.26 8.23 -33.63
N GLU A 292 -0.11 7.40 -34.65
CA GLU A 292 -1.14 6.43 -35.03
C GLU A 292 -1.45 5.44 -33.91
N LEU A 293 -0.46 5.15 -33.08
CA LEU A 293 -0.63 4.23 -31.96
C LEU A 293 -1.45 4.85 -30.84
N ASN A 294 -1.47 6.18 -30.78
CA ASN A 294 -2.11 6.88 -29.67
C ASN A 294 -3.62 7.06 -29.84
N GLN A 295 -4.16 6.46 -30.90
CA GLN A 295 -5.60 6.53 -31.17
C GLN A 295 -6.41 5.60 -30.26
N THR A 296 -7.31 6.18 -29.47
CA THR A 296 -8.17 5.41 -28.57
C THR A 296 -9.43 6.20 -28.20
N GLU A 297 -10.39 5.52 -27.59
CA GLU A 297 -11.64 6.14 -27.19
C GLU A 297 -11.50 6.91 -25.87
N GLN A 298 -11.19 6.18 -24.80
CA GLN A 298 -11.04 6.78 -23.47
C GLN A 298 -9.62 7.21 -23.19
N THR A 299 -9.48 8.28 -22.41
CA THR A 299 -8.17 8.78 -22.00
C THR A 299 -7.87 8.41 -20.56
N THR A 300 -8.79 7.68 -19.93
CA THR A 300 -8.66 7.32 -18.53
C THR A 300 -8.16 5.89 -18.35
N TYR A 301 -7.16 5.71 -17.48
CA TYR A 301 -6.62 4.39 -17.18
C TYR A 301 -6.26 4.27 -15.70
N GLU A 302 -6.34 3.05 -15.18
CA GLU A 302 -6.15 2.79 -13.76
C GLU A 302 -4.68 2.68 -13.33
N VAL A 303 -3.82 2.33 -14.27
CA VAL A 303 -2.39 2.23 -14.00
C VAL A 303 -1.86 3.57 -13.53
N GLU A 304 -1.12 3.58 -12.43
CA GLU A 304 -0.64 4.82 -11.84
C GLU A 304 0.84 5.05 -12.14
N GLY A 305 1.17 6.25 -12.60
CA GLY A 305 2.56 6.65 -12.75
C GLY A 305 3.08 6.84 -14.17
N ILE A 306 2.33 6.35 -15.16
CA ILE A 306 2.80 6.42 -16.54
C ILE A 306 1.81 7.08 -17.49
N GLY A 307 2.34 7.67 -18.56
CA GLY A 307 1.51 8.26 -19.60
C GLY A 307 1.00 9.62 -19.22
N TYR A 308 0.99 10.53 -20.19
CA TYR A 308 0.43 11.85 -19.97
C TYR A 308 -0.27 12.36 -21.22
N ASP A 309 -1.04 13.42 -21.06
CA ASP A 309 -1.68 14.06 -22.20
C ASP A 309 -0.74 15.05 -22.89
N PHE A 310 0.39 15.35 -22.24
CA PHE A 310 1.37 16.30 -22.75
C PHE A 310 2.76 15.67 -22.86
N ILE A 311 3.63 16.26 -23.66
CA ILE A 311 5.00 15.78 -23.81
C ILE A 311 5.95 16.60 -22.94
N PRO A 312 6.40 16.05 -21.80
CA PRO A 312 7.26 16.82 -20.89
C PRO A 312 8.56 17.26 -21.53
N THR A 313 9.19 18.26 -20.92
CA THR A 313 10.43 18.83 -21.41
C THR A 313 11.57 17.81 -21.39
N VAL A 314 11.66 17.08 -20.28
CA VAL A 314 12.78 16.16 -20.03
C VAL A 314 12.74 14.93 -20.93
N LEU A 315 11.59 14.67 -21.52
CA LEU A 315 11.44 13.52 -22.40
C LEU A 315 12.11 13.72 -23.76
N ASP A 316 13.00 12.81 -24.12
CA ASP A 316 13.63 12.81 -25.42
C ASP A 316 13.12 11.60 -26.20
N ARG A 317 12.28 11.83 -27.20
CA ARG A 317 11.67 10.74 -27.95
C ARG A 317 12.53 10.33 -29.16
N THR A 318 13.71 10.91 -29.28
CA THR A 318 14.61 10.60 -30.39
C THR A 318 15.59 9.50 -30.01
N VAL A 319 15.63 9.18 -28.72
CA VAL A 319 16.50 8.12 -28.23
C VAL A 319 15.75 6.79 -28.01
N VAL A 320 14.43 6.83 -28.22
CA VAL A 320 13.60 5.64 -28.10
C VAL A 320 13.40 4.96 -29.45
N ASP A 321 13.91 3.74 -29.57
CA ASP A 321 13.91 3.03 -30.84
C ASP A 321 12.54 2.48 -31.24
N LYS A 322 11.71 2.14 -30.27
CA LYS A 322 10.36 1.69 -30.55
C LYS A 322 9.42 1.83 -29.35
N TRP A 323 8.15 2.07 -29.62
CA TRP A 323 7.16 2.28 -28.58
C TRP A 323 6.11 1.19 -28.61
N PHE A 324 5.56 0.87 -27.45
CA PHE A 324 4.52 -0.15 -27.33
C PHE A 324 3.35 0.36 -26.49
N LYS A 325 2.14 -0.01 -26.91
CA LYS A 325 0.93 0.39 -26.21
C LYS A 325 0.46 -0.70 -25.26
N SER A 326 0.35 -0.37 -23.98
CA SER A 326 -0.17 -1.33 -23.00
C SER A 326 -1.50 -0.86 -22.43
N ASN A 327 -2.25 -1.78 -21.85
CA ASN A 327 -3.51 -1.44 -21.18
C ASN A 327 -3.43 -1.82 -19.70
N ASP A 328 -4.54 -1.63 -18.99
CA ASP A 328 -4.54 -1.88 -17.55
C ASP A 328 -4.64 -3.36 -17.22
N GLU A 329 -5.34 -4.10 -18.07
CA GLU A 329 -5.56 -5.52 -17.85
C GLU A 329 -4.25 -6.31 -17.84
N GLU A 330 -3.49 -6.23 -18.92
CA GLU A 330 -2.21 -6.94 -19.00
C GLU A 330 -1.19 -6.40 -18.01
N ALA A 331 -1.34 -5.12 -17.64
CA ALA A 331 -0.50 -4.52 -16.61
C ALA A 331 -0.70 -5.24 -15.29
N PHE A 332 -1.93 -5.26 -14.81
CA PHE A 332 -2.24 -5.89 -13.53
C PHE A 332 -2.07 -7.42 -13.56
N THR A 333 -2.39 -8.03 -14.69
CA THR A 333 -2.21 -9.47 -14.87
C THR A 333 -0.74 -9.83 -14.70
N PHE A 334 0.13 -9.15 -15.44
CA PHE A 334 1.55 -9.41 -15.34
C PHE A 334 2.15 -8.99 -14.00
N ALA A 335 1.50 -8.06 -13.31
CA ALA A 335 1.96 -7.67 -11.98
C ALA A 335 1.71 -8.82 -11.00
N ARG A 336 0.50 -9.36 -11.05
CA ARG A 336 0.14 -10.51 -10.23
C ARG A 336 1.00 -11.72 -10.56
N MET A 337 1.33 -11.86 -11.84
CA MET A 337 2.20 -12.94 -12.32
C MET A 337 3.63 -12.78 -11.80
N LEU A 338 4.11 -11.55 -11.73
CA LEU A 338 5.43 -11.27 -11.18
C LEU A 338 5.48 -11.60 -9.69
N ILE A 339 4.48 -11.13 -8.96
CA ILE A 339 4.39 -11.42 -7.53
C ILE A 339 4.30 -12.93 -7.24
N ALA A 340 3.36 -13.59 -7.93
CA ALA A 340 3.12 -15.02 -7.73
C ALA A 340 4.31 -15.86 -8.13
N GLN A 341 4.69 -15.80 -9.41
CA GLN A 341 5.73 -16.69 -9.91
C GLN A 341 7.15 -16.30 -9.50
N GLU A 342 7.49 -15.01 -9.60
CA GLU A 342 8.87 -14.59 -9.38
C GLU A 342 9.16 -14.13 -7.95
N GLY A 343 8.10 -13.93 -7.18
CA GLY A 343 8.24 -13.48 -5.80
C GLY A 343 8.67 -12.03 -5.71
N LEU A 344 8.43 -11.28 -6.78
CA LEU A 344 8.76 -9.86 -6.82
C LEU A 344 7.57 -8.99 -6.45
N LEU A 345 7.64 -8.33 -5.30
CA LEU A 345 6.57 -7.48 -4.83
C LEU A 345 6.68 -6.09 -5.47
N CYS A 346 5.82 -5.81 -6.44
CA CYS A 346 5.92 -4.58 -7.23
C CYS A 346 4.55 -4.02 -7.63
N GLY A 347 4.56 -2.97 -8.44
CA GLY A 347 3.34 -2.29 -8.86
C GLY A 347 2.88 -2.61 -10.28
N GLY A 348 1.81 -1.94 -10.72
CA GLY A 348 1.20 -2.22 -12.01
C GLY A 348 2.03 -1.78 -13.21
N SER A 349 2.76 -0.69 -13.03
CA SER A 349 3.66 -0.19 -14.08
C SER A 349 4.72 -1.22 -14.42
N ALA A 350 5.15 -1.96 -13.41
CA ALA A 350 6.09 -3.06 -13.62
C ALA A 350 5.45 -4.12 -14.51
N GLY A 351 4.16 -4.36 -14.28
CA GLY A 351 3.41 -5.30 -15.08
C GLY A 351 3.29 -4.87 -16.52
N SER A 352 3.12 -3.56 -16.73
CA SER A 352 3.07 -3.01 -18.09
C SER A 352 4.41 -3.21 -18.79
N THR A 353 5.48 -2.84 -18.07
CA THR A 353 6.84 -2.98 -18.58
C THR A 353 7.09 -4.41 -19.06
N VAL A 354 6.77 -5.39 -18.22
CA VAL A 354 7.04 -6.79 -18.53
C VAL A 354 6.11 -7.35 -19.62
N ALA A 355 4.83 -7.01 -19.53
CA ALA A 355 3.84 -7.39 -20.55
C ALA A 355 4.31 -6.97 -21.93
N VAL A 356 4.92 -5.79 -21.99
CA VAL A 356 5.54 -5.34 -23.24
C VAL A 356 6.83 -6.13 -23.53
N ALA A 357 7.62 -6.37 -22.50
CA ALA A 357 8.90 -7.06 -22.64
C ALA A 357 8.78 -8.43 -23.30
N VAL A 358 7.78 -9.22 -22.91
CA VAL A 358 7.60 -10.56 -23.48
C VAL A 358 7.27 -10.50 -24.98
N LYS A 359 6.81 -9.34 -25.44
CA LYS A 359 6.53 -9.12 -26.86
C LYS A 359 7.76 -8.62 -27.58
N ALA A 360 8.37 -7.57 -27.03
CA ALA A 360 9.48 -6.88 -27.67
C ALA A 360 10.75 -7.71 -27.73
N ALA A 361 10.91 -8.60 -26.76
CA ALA A 361 12.13 -9.43 -26.67
C ALA A 361 12.06 -10.69 -27.51
N GLN A 362 10.95 -10.87 -28.22
CA GLN A 362 10.80 -12.04 -29.09
C GLN A 362 11.83 -12.02 -30.21
N GLU A 363 12.21 -10.82 -30.64
CA GLU A 363 13.21 -10.70 -31.69
C GLU A 363 14.59 -11.14 -31.20
N LEU A 364 14.82 -11.02 -29.89
CA LEU A 364 16.09 -11.44 -29.30
C LEU A 364 16.26 -12.96 -29.35
N GLN A 365 17.47 -13.40 -29.60
CA GLN A 365 17.77 -14.83 -29.65
C GLN A 365 18.48 -15.28 -28.38
N GLU A 366 18.93 -16.53 -28.37
CA GLU A 366 19.64 -17.10 -27.23
C GLU A 366 21.04 -16.51 -27.10
N GLY A 367 21.46 -16.20 -25.88
CA GLY A 367 22.77 -15.62 -25.64
C GLY A 367 22.75 -14.14 -25.36
N GLN A 368 21.68 -13.48 -25.78
CA GLN A 368 21.53 -12.04 -25.60
C GLN A 368 20.95 -11.71 -24.22
N ARG A 369 20.65 -10.43 -24.00
CA ARG A 369 20.19 -9.96 -22.71
C ARG A 369 19.16 -8.84 -22.85
N CYS A 370 18.16 -8.84 -21.98
CA CYS A 370 17.13 -7.81 -21.98
C CYS A 370 16.89 -7.34 -20.56
N VAL A 371 16.92 -6.03 -20.34
CA VAL A 371 16.72 -5.49 -19.00
C VAL A 371 15.45 -4.67 -18.94
N VAL A 372 14.61 -4.92 -17.94
CA VAL A 372 13.40 -4.15 -17.75
C VAL A 372 13.47 -3.30 -16.49
N ILE A 373 12.72 -2.20 -16.48
CA ILE A 373 12.71 -1.33 -15.30
C ILE A 373 11.44 -1.53 -14.48
N LEU A 374 11.60 -1.98 -13.23
CA LEU A 374 10.47 -2.13 -12.33
C LEU A 374 10.41 -0.94 -11.38
N PRO A 375 9.43 -0.05 -11.57
CA PRO A 375 9.38 1.25 -10.90
C PRO A 375 9.14 1.22 -9.39
N ASP A 376 8.07 0.58 -8.94
CA ASP A 376 7.65 0.72 -7.55
C ASP A 376 7.12 -0.57 -6.90
N SER A 377 6.83 -0.48 -5.60
CA SER A 377 6.38 -1.64 -4.83
C SER A 377 4.86 -1.73 -4.77
N VAL A 378 4.38 -2.82 -4.18
CA VAL A 378 2.96 -3.07 -4.07
C VAL A 378 2.35 -2.26 -2.92
N ARG A 379 3.20 -1.61 -2.13
CA ARG A 379 2.74 -0.93 -0.91
C ARG A 379 1.64 0.12 -1.16
N ASN A 380 1.70 0.77 -2.32
CA ASN A 380 0.71 1.78 -2.67
C ASN A 380 -0.58 1.16 -3.20
N TYR A 381 -0.46 -0.05 -3.74
CA TYR A 381 -1.58 -0.70 -4.41
C TYR A 381 -2.24 -1.80 -3.58
N MET A 382 -2.06 -1.76 -2.26
CA MET A 382 -2.56 -2.80 -1.36
C MET A 382 -4.05 -3.05 -1.50
N THR A 383 -4.81 -1.98 -1.68
CA THR A 383 -6.26 -2.09 -1.76
C THR A 383 -6.77 -1.99 -3.19
N LYS A 384 -5.86 -1.98 -4.16
CA LYS A 384 -6.27 -1.80 -5.55
C LYS A 384 -6.09 -3.07 -6.40
N PHE A 385 -4.95 -3.27 -7.05
CA PHE A 385 -4.80 -4.45 -7.89
C PHE A 385 -4.47 -5.72 -7.11
N LEU A 386 -4.08 -5.54 -5.86
CA LEU A 386 -3.76 -6.67 -4.99
C LEU A 386 -5.03 -7.30 -4.45
N SER A 387 -6.12 -6.53 -4.44
CA SER A 387 -7.40 -7.01 -3.94
C SER A 387 -8.16 -7.71 -5.04
N ASP A 388 -8.56 -8.96 -4.80
CA ASP A 388 -9.34 -9.73 -5.77
C ASP A 388 -10.70 -9.06 -6.02
N ARG A 389 -11.30 -8.58 -4.94
CA ARG A 389 -12.58 -7.89 -5.03
C ARG A 389 -12.48 -6.72 -6.01
N TRP A 390 -11.42 -5.93 -5.89
CA TRP A 390 -11.21 -4.77 -6.77
C TRP A 390 -11.02 -5.19 -8.23
N MET A 391 -10.19 -6.21 -8.44
CA MET A 391 -9.92 -6.74 -9.77
C MET A 391 -11.20 -7.25 -10.43
N LEU A 392 -12.09 -7.81 -9.61
CA LEU A 392 -13.40 -8.26 -10.10
C LEU A 392 -14.26 -7.06 -10.43
N GLN A 393 -14.26 -6.08 -9.53
CA GLN A 393 -15.11 -4.91 -9.65
C GLN A 393 -14.81 -4.12 -10.92
N LYS A 394 -13.56 -4.11 -11.32
CA LYS A 394 -13.16 -3.39 -12.53
C LYS A 394 -13.26 -4.22 -13.81
N GLY A 395 -13.46 -5.53 -13.64
CA GLY A 395 -13.69 -6.42 -14.76
C GLY A 395 -12.47 -7.02 -15.41
N PHE A 396 -11.34 -6.90 -14.74
CA PHE A 396 -10.12 -7.51 -15.24
C PHE A 396 -10.08 -9.01 -15.00
N LEU A 397 -10.62 -9.44 -13.86
CA LEU A 397 -10.57 -10.84 -13.46
C LEU A 397 -11.50 -11.79 -14.20
N LYS A 398 -11.19 -13.08 -14.11
CA LYS A 398 -11.88 -14.08 -14.92
C LYS A 398 -13.06 -14.74 -14.20
N GLU A 399 -14.23 -14.64 -14.82
CA GLU A 399 -15.46 -15.21 -14.28
C GLU A 399 -16.26 -16.51 -14.39
N GLU A 400 -15.88 -17.48 -13.57
CA GLU A 400 -16.62 -18.72 -13.40
C GLU A 400 -15.78 -19.56 -12.48
N ASP A 401 -16.39 -20.60 -11.93
CA ASP A 401 -15.72 -21.62 -11.14
C ASP A 401 -16.19 -22.96 -11.68
N LEU A 402 -15.72 -23.29 -12.88
CA LEU A 402 -16.19 -24.46 -13.60
C LEU A 402 -15.72 -24.34 -15.02
N LYS A 405 -21.64 -21.02 -11.98
CA LYS A 405 -23.09 -21.11 -12.04
C LYS A 405 -23.72 -19.99 -11.21
N LYS A 406 -24.49 -19.15 -11.87
CA LYS A 406 -25.12 -18.03 -11.20
C LYS A 406 -26.28 -17.46 -11.99
N PRO A 407 -26.98 -16.51 -11.37
CA PRO A 407 -28.33 -16.11 -11.79
C PRO A 407 -28.48 -15.67 -13.24
N TRP A 408 -29.60 -16.14 -13.79
CA TRP A 408 -30.04 -16.02 -15.17
C TRP A 408 -30.03 -14.68 -15.89
N TRP A 409 -30.11 -13.56 -14.75
CA TRP A 409 -30.13 -12.24 -15.35
C TRP A 409 -28.72 -11.73 -15.67
N TRP A 410 -27.71 -12.56 -15.41
CA TRP A 410 -26.33 -12.14 -15.55
C TRP A 410 -25.97 -11.68 -16.96
N HIS A 411 -26.31 -12.50 -17.95
CA HIS A 411 -25.98 -12.18 -19.34
C HIS A 411 -27.07 -11.40 -20.07
N LEU A 412 -28.13 -11.04 -19.35
CA LEU A 412 -29.07 -10.04 -19.84
C LEU A 412 -28.34 -8.70 -19.85
N ARG A 413 -28.81 -7.74 -20.64
CA ARG A 413 -28.16 -6.42 -20.68
C ARG A 413 -29.08 -5.26 -20.30
N VAL A 414 -28.48 -4.13 -19.95
CA VAL A 414 -29.18 -3.05 -19.28
C VAL A 414 -30.23 -2.36 -20.13
N GLN A 415 -30.22 -2.62 -21.44
CA GLN A 415 -31.24 -2.07 -22.33
C GLN A 415 -32.61 -2.61 -21.92
N GLU A 416 -32.61 -3.79 -21.32
CA GLU A 416 -33.82 -4.45 -20.85
C GLU A 416 -34.36 -3.79 -19.59
N LEU A 417 -33.55 -2.94 -18.97
CA LEU A 417 -33.95 -2.30 -17.72
C LEU A 417 -34.96 -1.18 -17.98
N GLY A 418 -35.00 -0.68 -19.21
CA GLY A 418 -35.98 0.33 -19.57
C GLY A 418 -35.80 1.64 -18.82
N LEU A 419 -34.60 2.20 -18.88
CA LEU A 419 -34.28 3.43 -18.17
C LEU A 419 -34.85 4.66 -18.87
N SER A 420 -35.12 5.70 -18.09
CA SER A 420 -35.75 6.91 -18.61
C SER A 420 -34.73 8.03 -18.85
N ALA A 421 -35.23 9.19 -19.30
CA ALA A 421 -34.37 10.32 -19.62
C ALA A 421 -33.62 10.84 -18.39
N PRO A 422 -32.32 11.13 -18.56
CA PRO A 422 -31.54 11.75 -17.48
C PRO A 422 -31.85 13.24 -17.35
N LEU A 423 -31.70 13.80 -16.16
CA LEU A 423 -31.85 15.23 -15.98
C LEU A 423 -30.48 15.92 -15.88
N THR A 424 -30.21 16.77 -16.86
CA THR A 424 -28.88 17.34 -17.05
C THR A 424 -28.71 18.69 -16.35
N VAL A 425 -27.53 18.92 -15.78
CA VAL A 425 -27.25 20.18 -15.10
C VAL A 425 -26.24 21.00 -15.91
N LEU A 426 -26.45 22.32 -15.95
CA LEU A 426 -25.55 23.24 -16.64
C LEU A 426 -24.35 23.56 -15.75
N PRO A 427 -23.17 23.82 -16.35
CA PRO A 427 -21.97 24.07 -15.53
C PRO A 427 -22.05 25.40 -14.80
N THR A 428 -22.86 26.31 -15.33
CA THR A 428 -22.96 27.67 -14.83
C THR A 428 -23.95 27.81 -13.68
N ILE A 429 -24.65 26.73 -13.37
CA ILE A 429 -25.69 26.76 -12.34
C ILE A 429 -25.10 26.89 -10.93
N THR A 430 -25.89 27.46 -10.02
CA THR A 430 -25.47 27.61 -8.63
C THR A 430 -25.66 26.31 -7.85
N CYS A 431 -24.71 26.00 -6.97
CA CYS A 431 -24.73 24.75 -6.21
C CYS A 431 -25.99 24.57 -5.37
N GLY A 432 -26.47 25.65 -4.78
CA GLY A 432 -27.70 25.63 -4.01
C GLY A 432 -28.91 25.24 -4.85
N HIS A 433 -28.95 25.73 -6.08
CA HIS A 433 -30.00 25.40 -7.04
C HIS A 433 -29.99 23.91 -7.37
N THR A 434 -28.79 23.40 -7.67
CA THR A 434 -28.56 21.97 -7.87
C THR A 434 -29.12 21.20 -6.68
N ILE A 435 -28.81 21.68 -5.48
CA ILE A 435 -29.27 21.06 -4.26
C ILE A 435 -30.80 21.09 -4.17
N GLU A 436 -31.43 22.13 -4.72
CA GLU A 436 -32.90 22.22 -4.73
C GLU A 436 -33.59 21.23 -5.70
N ILE A 437 -33.15 21.24 -6.95
CA ILE A 437 -33.72 20.33 -7.94
C ILE A 437 -33.49 18.88 -7.50
N LEU A 438 -32.26 18.62 -7.07
CA LEU A 438 -31.84 17.26 -6.76
C LEU A 438 -32.44 16.88 -5.41
N ARG A 439 -32.85 17.89 -4.64
CA ARG A 439 -33.71 17.71 -3.47
C ARG A 439 -35.01 17.09 -3.86
N GLU A 440 -35.70 17.82 -4.73
CA GLU A 440 -37.09 17.53 -5.00
C GLU A 440 -37.23 16.22 -5.78
N LYS A 441 -36.26 15.96 -6.65
CA LYS A 441 -36.30 14.72 -7.41
C LYS A 441 -35.76 13.53 -6.61
N GLY A 442 -34.88 13.81 -5.64
CA GLY A 442 -34.36 12.77 -4.75
C GLY A 442 -33.36 11.78 -5.32
N PHE A 443 -32.30 12.29 -5.96
CA PHE A 443 -31.19 11.45 -6.40
C PHE A 443 -29.90 11.92 -5.72
N ASP A 444 -28.86 11.08 -5.71
CA ASP A 444 -27.58 11.46 -5.15
C ASP A 444 -26.56 11.99 -6.16
N GLN A 445 -26.93 11.98 -7.45
CA GLN A 445 -26.00 12.41 -8.50
C GLN A 445 -26.71 12.93 -9.76
N ALA A 446 -26.03 13.82 -10.48
CA ALA A 446 -26.57 14.39 -11.71
C ALA A 446 -25.46 14.66 -12.73
N PRO A 447 -25.80 14.61 -14.04
CA PRO A 447 -24.77 14.97 -15.03
C PRO A 447 -24.49 16.47 -15.07
N VAL A 448 -23.22 16.86 -15.24
CA VAL A 448 -22.88 18.25 -15.54
C VAL A 448 -22.53 18.36 -17.03
N VAL A 449 -23.38 19.12 -17.74
CA VAL A 449 -23.31 19.27 -19.19
C VAL A 449 -23.36 20.76 -19.57
N ASP A 450 -22.59 21.16 -20.58
CA ASP A 450 -22.65 22.55 -21.06
C ASP A 450 -23.83 22.78 -22.00
N GLU A 451 -23.97 24.01 -22.51
CA GLU A 451 -25.10 24.35 -23.38
C GLU A 451 -25.00 23.70 -24.75
N ALA A 452 -23.78 23.35 -25.15
CA ALA A 452 -23.54 22.81 -26.48
C ALA A 452 -23.84 21.32 -26.54
N GLY A 453 -24.21 20.75 -25.40
CA GLY A 453 -24.67 19.38 -25.33
C GLY A 453 -23.64 18.35 -24.88
N VAL A 454 -22.36 18.69 -25.01
CA VAL A 454 -21.31 17.77 -24.61
C VAL A 454 -21.20 17.69 -23.08
N ILE A 455 -21.27 16.47 -22.55
CA ILE A 455 -21.22 16.29 -21.11
C ILE A 455 -19.78 16.36 -20.64
N LEU A 456 -19.48 17.33 -19.78
CA LEU A 456 -18.12 17.48 -19.29
C LEU A 456 -17.95 16.58 -18.06
N GLY A 457 -19.05 16.09 -17.49
CA GLY A 457 -18.91 15.18 -16.36
C GLY A 457 -20.11 14.82 -15.51
N MET A 458 -19.82 14.43 -14.26
CA MET A 458 -20.83 14.13 -13.27
C MET A 458 -20.63 14.93 -11.98
N VAL A 459 -21.72 15.14 -11.24
CA VAL A 459 -21.64 15.71 -9.89
C VAL A 459 -22.35 14.79 -8.90
N THR A 460 -21.66 14.51 -7.80
CA THR A 460 -22.18 13.64 -6.74
C THR A 460 -22.23 14.40 -5.41
N LEU A 461 -23.21 14.09 -4.58
CA LEU A 461 -23.40 14.78 -3.30
C LEU A 461 -22.18 14.66 -2.39
N GLY A 462 -21.51 13.52 -2.45
CA GLY A 462 -20.31 13.30 -1.65
C GLY A 462 -19.17 14.21 -2.08
N ASN A 463 -19.14 14.53 -3.36
CA ASN A 463 -18.11 15.40 -3.93
C ASN A 463 -18.36 16.85 -3.48
N MET A 464 -19.61 17.29 -3.60
CA MET A 464 -20.02 18.64 -3.19
C MET A 464 -19.79 18.84 -1.70
N LEU A 465 -20.13 17.82 -0.92
CA LEU A 465 -19.96 17.85 0.54
C LEU A 465 -18.48 17.87 0.90
N SER A 466 -17.71 17.01 0.25
CA SER A 466 -16.25 16.96 0.44
C SER A 466 -15.60 18.31 0.16
N SER A 467 -15.94 18.91 -0.97
CA SER A 467 -15.43 20.21 -1.35
C SER A 467 -15.83 21.30 -0.37
N LEU A 468 -17.09 21.29 0.04
CA LEU A 468 -17.59 22.28 1.00
C LEU A 468 -16.88 22.20 2.35
N LEU A 469 -16.68 20.98 2.84
CA LEU A 469 -16.00 20.78 4.11
C LEU A 469 -14.57 21.32 4.06
N ALA A 470 -13.98 21.31 2.87
CA ALA A 470 -12.66 21.90 2.65
C ALA A 470 -12.76 23.41 2.47
N GLY A 471 -13.98 23.90 2.28
CA GLY A 471 -14.22 25.33 2.11
C GLY A 471 -13.84 25.80 0.71
N LYS A 472 -13.70 24.87 -0.22
CA LYS A 472 -13.30 25.19 -1.59
C LYS A 472 -14.51 25.43 -2.50
N VAL A 473 -15.71 25.32 -1.91
CA VAL A 473 -16.94 25.64 -2.65
C VAL A 473 -17.99 26.20 -1.68
N GLN A 474 -18.83 27.08 -2.19
CA GLN A 474 -19.90 27.70 -1.41
C GLN A 474 -21.25 27.51 -2.12
N PRO A 475 -22.36 27.58 -1.37
CA PRO A 475 -23.70 27.39 -1.96
C PRO A 475 -24.02 28.33 -3.12
N SER A 476 -23.37 29.49 -3.18
CA SER A 476 -23.60 30.44 -4.25
C SER A 476 -22.60 30.27 -5.39
N ASP A 477 -21.64 29.37 -5.22
CA ASP A 477 -20.61 29.12 -6.23
C ASP A 477 -21.14 28.45 -7.49
N GLN A 478 -20.36 28.56 -8.57
CA GLN A 478 -20.53 27.74 -9.76
C GLN A 478 -20.55 26.26 -9.39
N VAL A 479 -21.45 25.50 -10.02
CA VAL A 479 -21.45 24.05 -9.85
C VAL A 479 -20.31 23.46 -10.69
N GLY A 480 -19.86 24.22 -11.68
CA GLY A 480 -18.78 23.81 -12.56
C GLY A 480 -17.49 23.51 -11.83
N LYS A 481 -17.39 23.98 -10.59
CA LYS A 481 -16.25 23.72 -9.73
C LYS A 481 -16.20 22.27 -9.27
N VAL A 482 -17.36 21.71 -8.94
CA VAL A 482 -17.41 20.39 -8.30
C VAL A 482 -17.48 19.25 -9.31
N ILE A 483 -17.37 19.55 -10.60
CA ILE A 483 -17.46 18.55 -11.66
C ILE A 483 -16.50 17.39 -11.40
N TYR A 484 -17.04 16.17 -11.43
CA TYR A 484 -16.28 14.99 -11.06
C TYR A 484 -15.95 14.18 -12.31
N LYS A 485 -14.68 14.20 -12.68
CA LYS A 485 -14.25 13.72 -13.99
C LYS A 485 -13.84 12.24 -14.00
N GLN A 486 -13.71 11.65 -12.82
CA GLN A 486 -13.43 10.23 -12.78
C GLN A 486 -14.72 9.50 -12.44
N PHE A 487 -15.28 8.84 -13.44
CA PHE A 487 -16.52 8.11 -13.25
C PHE A 487 -16.55 6.93 -14.21
N LYS A 488 -17.40 5.98 -13.93
CA LYS A 488 -17.40 4.72 -14.64
C LYS A 488 -18.50 4.64 -15.66
N GLN A 489 -18.20 4.04 -16.80
CA GLN A 489 -19.16 3.91 -17.87
C GLN A 489 -19.62 2.47 -18.15
N ILE A 490 -20.89 2.19 -17.84
CA ILE A 490 -21.55 1.07 -18.51
C ILE A 490 -22.60 1.65 -19.45
N ARG A 491 -22.48 1.15 -20.69
CA ARG A 491 -23.27 1.25 -21.94
C ARG A 491 -24.58 0.40 -21.97
N LEU A 492 -25.49 0.69 -22.91
CA LEU A 492 -26.65 -0.16 -23.22
C LEU A 492 -26.38 -1.67 -23.34
N THR A 493 -25.37 -2.03 -24.13
CA THR A 493 -25.19 -3.41 -24.58
C THR A 493 -24.28 -4.25 -23.68
N ASP A 494 -23.74 -3.64 -22.63
CA ASP A 494 -22.94 -4.37 -21.65
C ASP A 494 -23.81 -5.19 -20.69
N THR A 495 -23.19 -6.19 -20.03
CA THR A 495 -23.91 -7.17 -19.22
C THR A 495 -24.61 -6.55 -18.02
N LEU A 496 -25.61 -7.23 -17.48
CA LEU A 496 -26.14 -6.88 -16.16
C LEU A 496 -25.14 -7.29 -15.08
N GLY A 497 -24.26 -8.23 -15.39
CA GLY A 497 -23.22 -8.65 -14.47
C GLY A 497 -22.18 -7.56 -14.24
N ARG A 498 -21.64 -7.03 -15.34
CA ARG A 498 -20.69 -5.93 -15.30
C ARG A 498 -21.28 -4.76 -14.53
N LEU A 499 -22.54 -4.47 -14.85
CA LEU A 499 -23.31 -3.44 -14.16
C LEU A 499 -23.35 -3.71 -12.67
N SER A 500 -23.59 -4.96 -12.31
CA SER A 500 -23.64 -5.33 -10.91
C SER A 500 -22.30 -4.99 -10.27
N HIS A 501 -21.20 -5.53 -10.80
CA HIS A 501 -19.86 -5.26 -10.27
C HIS A 501 -19.58 -3.76 -10.09
N ILE A 502 -19.92 -2.99 -11.12
CA ILE A 502 -19.92 -1.54 -11.05
C ILE A 502 -20.66 -0.97 -9.86
N LEU A 503 -21.88 -1.45 -9.63
CA LEU A 503 -22.71 -0.90 -8.58
C LEU A 503 -22.26 -1.44 -7.21
N GLU A 504 -21.38 -2.43 -7.22
CA GLU A 504 -20.65 -2.78 -6.01
C GLU A 504 -19.49 -1.80 -5.78
N MET A 505 -18.80 -1.37 -6.85
CA MET A 505 -17.77 -0.34 -6.62
C MET A 505 -18.38 0.99 -6.20
N ASP A 506 -19.25 1.52 -7.06
CA ASP A 506 -19.72 2.89 -6.94
C ASP A 506 -21.23 2.97 -7.15
N HIS A 507 -21.77 4.15 -6.85
CA HIS A 507 -23.20 4.33 -6.72
C HIS A 507 -23.94 4.43 -8.06
N PHE A 508 -23.20 4.49 -9.17
CA PHE A 508 -23.82 4.60 -10.50
C PHE A 508 -22.94 4.21 -11.70
N ALA A 509 -23.54 4.25 -12.90
CA ALA A 509 -22.81 4.14 -14.18
C ALA A 509 -23.75 4.65 -15.28
N LEU A 510 -23.31 4.76 -16.55
CA LEU A 510 -24.14 5.63 -17.37
C LEU A 510 -24.39 5.11 -18.76
N VAL A 511 -25.65 4.81 -19.01
CA VAL A 511 -26.04 4.01 -20.15
C VAL A 511 -25.93 4.92 -21.37
N VAL A 512 -25.24 4.43 -22.40
CA VAL A 512 -25.00 5.22 -23.60
C VAL A 512 -25.36 4.52 -24.89
N HIS A 513 -26.17 5.21 -25.70
CA HIS A 513 -26.29 4.77 -27.08
C HIS A 513 -25.26 5.60 -27.80
N GLU A 514 -24.53 4.93 -28.69
CA GLU A 514 -23.51 5.54 -29.54
C GLU A 514 -24.16 6.35 -30.65
N GLN A 518 -20.06 10.16 -30.18
CA GLN A 518 -20.31 9.96 -28.74
C GLN A 518 -21.66 10.51 -28.33
N MET A 519 -22.44 9.65 -27.68
CA MET A 519 -23.76 10.01 -27.18
C MET A 519 -24.05 9.17 -25.95
N VAL A 520 -25.31 9.15 -25.52
CA VAL A 520 -25.65 8.79 -24.14
C VAL A 520 -26.95 8.01 -24.19
N PHE A 521 -27.45 7.51 -23.06
CA PHE A 521 -28.85 7.10 -22.95
C PHE A 521 -29.44 7.72 -21.69
N GLY A 522 -28.90 7.31 -20.54
CA GLY A 522 -29.38 7.77 -19.23
C GLY A 522 -28.41 7.44 -18.12
N VAL A 523 -28.86 7.55 -16.88
CA VAL A 523 -28.04 7.23 -15.71
C VAL A 523 -28.60 6.03 -14.95
N VAL A 524 -27.75 5.04 -14.65
CA VAL A 524 -28.22 3.84 -13.95
C VAL A 524 -27.63 3.67 -12.55
N THR A 525 -28.50 3.35 -11.60
CA THR A 525 -28.12 2.99 -10.23
C THR A 525 -28.74 1.64 -9.85
N ALA A 526 -28.57 1.22 -8.59
CA ALA A 526 -28.91 -0.14 -8.17
C ALA A 526 -30.40 -0.48 -8.20
N ILE A 527 -31.24 0.45 -7.77
CA ILE A 527 -32.66 0.15 -7.55
C ILE A 527 -33.39 -0.24 -8.84
N ASP A 528 -32.85 0.13 -10.00
CA ASP A 528 -33.42 -0.32 -11.27
C ASP A 528 -33.10 -1.77 -11.56
N LEU A 529 -31.87 -2.18 -11.24
CA LEU A 529 -31.47 -3.58 -11.31
C LEU A 529 -32.31 -4.42 -10.36
N LEU A 530 -32.36 -3.99 -9.10
CA LEU A 530 -33.15 -4.69 -8.08
C LEU A 530 -34.63 -4.79 -8.47
N ASN A 531 -35.18 -3.67 -8.94
CA ASN A 531 -36.55 -3.62 -9.43
C ASN A 531 -36.79 -4.58 -10.59
N PHE A 532 -35.82 -4.66 -11.50
CA PHE A 532 -35.96 -5.55 -12.66
C PHE A 532 -35.94 -7.02 -12.24
N VAL A 533 -34.92 -7.40 -11.48
CA VAL A 533 -34.76 -8.78 -11.05
C VAL A 533 -35.93 -9.25 -10.18
N ALA A 534 -36.25 -8.47 -9.15
CA ALA A 534 -37.29 -8.88 -8.20
C ALA A 534 -38.69 -8.75 -8.78
N ALA A 535 -38.81 -8.20 -9.98
CA ALA A 535 -40.10 -8.08 -10.64
C ALA A 535 -40.67 -9.45 -10.97
N TRP B 43 1.34 -34.90 18.52
CA TRP B 43 1.59 -33.46 18.57
C TRP B 43 2.63 -33.11 19.64
N ILE B 44 3.51 -32.16 19.32
CA ILE B 44 4.52 -31.69 20.26
C ILE B 44 4.28 -30.22 20.64
N ARG B 45 4.44 -29.91 21.92
CA ARG B 45 4.23 -28.55 22.42
C ARG B 45 5.41 -27.66 22.09
N PRO B 46 5.15 -26.42 21.64
CA PRO B 46 6.22 -25.50 21.29
C PRO B 46 6.98 -24.99 22.51
N ASP B 47 6.30 -24.96 23.66
CA ASP B 47 6.93 -24.45 24.88
C ASP B 47 7.72 -25.52 25.63
N ALA B 48 7.84 -26.69 25.02
CA ALA B 48 8.61 -27.78 25.61
C ALA B 48 10.05 -27.34 25.87
N PRO B 49 10.57 -27.63 27.06
CA PRO B 49 11.93 -27.21 27.45
C PRO B 49 12.99 -27.57 26.43
N SER B 50 13.98 -26.69 26.28
CA SER B 50 15.04 -26.87 25.31
C SER B 50 16.03 -27.93 25.76
N ARG B 51 16.39 -28.83 24.85
CA ARG B 51 17.38 -29.85 25.14
C ARG B 51 18.78 -29.41 24.71
N CYS B 52 18.92 -28.17 24.25
CA CYS B 52 20.23 -27.71 23.79
C CYS B 52 21.26 -27.67 24.90
N THR B 53 22.43 -28.23 24.63
CA THR B 53 23.50 -28.27 25.62
C THR B 53 24.48 -27.12 25.48
N TRP B 54 24.23 -26.20 24.55
CA TRP B 54 25.09 -25.04 24.34
C TRP B 54 25.30 -24.33 25.66
N GLN B 55 26.54 -23.95 25.91
CA GLN B 55 26.87 -23.24 27.14
C GLN B 55 27.96 -22.23 26.80
N LEU B 56 27.87 -21.05 27.39
CA LEU B 56 28.85 -20.00 27.15
C LEU B 56 30.24 -20.49 27.53
N GLY B 57 31.17 -20.40 26.60
CA GLY B 57 32.53 -20.86 26.82
C GLY B 57 32.87 -22.08 26.01
N ARG B 58 31.84 -22.80 25.57
CA ARG B 58 32.04 -24.00 24.77
C ARG B 58 32.49 -23.63 23.36
N PRO B 59 33.58 -24.27 22.89
CA PRO B 59 34.10 -23.97 21.55
C PRO B 59 33.10 -24.31 20.45
N ALA B 60 33.19 -23.59 19.33
CA ALA B 60 32.24 -23.75 18.23
C ALA B 60 32.44 -25.06 17.48
N SER B 61 33.59 -25.69 17.69
CA SER B 61 33.87 -26.98 17.06
C SER B 61 32.99 -28.12 17.59
N GLU B 62 32.38 -27.90 18.75
CA GLU B 62 31.57 -28.92 19.40
C GLU B 62 30.12 -28.94 18.93
N SER B 63 29.72 -27.92 18.19
CA SER B 63 28.32 -27.79 17.75
C SER B 63 27.91 -28.87 16.74
N PRO B 64 26.81 -29.59 17.03
CA PRO B 64 26.28 -30.65 16.16
C PRO B 64 25.48 -30.10 14.99
N HIS B 65 25.05 -28.83 15.08
CA HIS B 65 24.22 -28.22 14.06
C HIS B 65 25.02 -27.89 12.81
N HIS B 66 24.31 -27.45 11.78
CA HIS B 66 24.92 -26.94 10.57
C HIS B 66 25.01 -25.42 10.64
N HIS B 67 26.15 -24.87 10.24
CA HIS B 67 26.37 -23.43 10.30
C HIS B 67 26.70 -22.83 8.93
N THR B 68 25.95 -21.80 8.55
CA THR B 68 26.23 -21.04 7.34
C THR B 68 27.00 -19.76 7.67
N ALA B 69 27.30 -18.97 6.64
CA ALA B 69 27.99 -17.69 6.81
C ALA B 69 27.33 -16.62 5.97
N PRO B 70 27.46 -15.35 6.37
CA PRO B 70 26.98 -14.25 5.53
C PRO B 70 27.59 -14.33 4.14
N ALA B 71 26.82 -14.00 3.11
CA ALA B 71 27.24 -14.24 1.74
C ALA B 71 27.52 -12.98 0.93
N LYS B 72 28.65 -12.98 0.23
CA LYS B 72 28.92 -12.02 -0.83
C LYS B 72 27.81 -12.13 -1.87
N SER B 73 27.14 -11.02 -2.15
CA SER B 73 26.00 -11.02 -3.08
C SER B 73 26.44 -10.72 -4.52
N PRO B 74 25.77 -11.33 -5.49
CA PRO B 74 26.19 -11.19 -6.90
C PRO B 74 25.83 -9.85 -7.50
N LYS B 75 26.36 -9.57 -8.69
CA LYS B 75 25.94 -8.43 -9.48
C LYS B 75 24.48 -8.66 -9.88
N ILE B 76 24.23 -9.81 -10.48
CA ILE B 76 22.88 -10.20 -10.86
C ILE B 76 22.36 -11.31 -9.94
N LEU B 77 21.24 -11.06 -9.27
CA LEU B 77 20.64 -12.06 -8.41
C LEU B 77 19.94 -13.13 -9.26
N PRO B 78 20.18 -14.41 -8.94
CA PRO B 78 19.53 -15.50 -9.68
C PRO B 78 18.04 -15.56 -9.37
N ASP B 79 17.67 -15.17 -8.15
CA ASP B 79 16.27 -15.06 -7.77
C ASP B 79 16.14 -14.05 -6.65
N ILE B 80 14.91 -13.66 -6.33
CA ILE B 80 14.68 -12.62 -5.33
C ILE B 80 15.09 -13.05 -3.91
N LEU B 81 15.14 -14.36 -3.67
CA LEU B 81 15.46 -14.87 -2.35
C LEU B 81 16.91 -14.54 -1.93
N LYS B 82 17.76 -14.25 -2.90
CA LYS B 82 19.14 -13.87 -2.59
C LYS B 82 19.22 -12.46 -2.02
N LYS B 83 18.11 -11.74 -2.05
CA LYS B 83 18.06 -10.37 -1.51
C LYS B 83 17.90 -10.37 0.00
N ILE B 84 17.55 -11.54 0.55
CA ILE B 84 17.38 -11.70 1.99
C ILE B 84 18.72 -11.71 2.71
N GLY B 85 18.90 -10.79 3.65
CA GLY B 85 20.17 -10.66 4.36
C GLY B 85 20.96 -9.45 3.91
N ASP B 86 22.15 -9.26 4.48
CA ASP B 86 22.98 -8.08 4.23
C ASP B 86 22.19 -6.78 4.40
N THR B 87 21.35 -6.74 5.43
CA THR B 87 20.51 -5.58 5.69
C THR B 87 21.33 -4.41 6.19
N PRO B 88 20.91 -3.18 5.82
CA PRO B 88 21.67 -1.97 6.15
C PRO B 88 21.55 -1.56 7.62
N MET B 89 22.61 -0.95 8.14
CA MET B 89 22.62 -0.39 9.48
C MET B 89 22.54 1.13 9.38
N VAL B 90 21.45 1.72 9.88
CA VAL B 90 21.24 3.15 9.74
C VAL B 90 21.35 3.85 11.07
N ARG B 91 22.22 4.87 11.17
CA ARG B 91 22.34 5.63 12.40
C ARG B 91 21.09 6.46 12.67
N ILE B 92 20.68 6.52 13.94
CA ILE B 92 19.55 7.34 14.35
C ILE B 92 20.08 8.65 14.89
N ASN B 93 19.86 9.73 14.13
CA ASN B 93 20.45 11.03 14.40
C ASN B 93 19.61 11.95 15.29
N LYS B 94 18.30 11.93 15.07
CA LYS B 94 17.39 12.84 15.75
C LYS B 94 16.87 12.29 17.07
N ILE B 95 16.16 11.16 17.01
CA ILE B 95 15.47 10.59 18.17
C ILE B 95 16.40 10.27 19.34
N GLY B 96 17.63 9.87 19.01
CA GLY B 96 18.62 9.60 20.04
C GLY B 96 18.90 10.82 20.88
N LYS B 97 19.24 11.91 20.21
CA LYS B 97 19.60 13.16 20.89
C LYS B 97 18.41 13.85 21.54
N LYS B 98 17.24 13.72 20.92
CA LYS B 98 16.02 14.34 21.46
C LYS B 98 15.71 13.87 22.88
N PHE B 99 15.98 12.60 23.15
CA PHE B 99 15.71 12.02 24.47
C PHE B 99 16.94 12.03 25.37
N GLY B 100 18.05 12.56 24.87
CA GLY B 100 19.20 12.81 25.69
C GLY B 100 20.25 11.72 25.73
N LEU B 101 20.29 10.88 24.69
CA LEU B 101 21.29 9.82 24.63
C LEU B 101 22.66 10.40 24.27
N LYS B 102 23.66 10.06 25.08
CA LYS B 102 25.03 10.51 24.85
C LYS B 102 25.76 9.57 23.89
N CYS B 103 25.19 8.39 23.70
CA CYS B 103 25.81 7.33 22.91
C CYS B 103 25.46 7.44 21.43
N GLU B 104 25.90 6.45 20.66
CA GLU B 104 25.51 6.29 19.27
C GLU B 104 24.40 5.25 19.17
N LEU B 105 23.34 5.56 18.44
CA LEU B 105 22.21 4.64 18.31
C LEU B 105 22.06 4.21 16.86
N LEU B 106 22.35 2.95 16.58
CA LEU B 106 22.22 2.42 15.22
C LEU B 106 20.96 1.58 15.12
N ALA B 107 20.48 1.38 13.91
CA ALA B 107 19.27 0.59 13.69
C ALA B 107 19.47 -0.46 12.60
N LYS B 108 19.24 -1.72 12.95
CA LYS B 108 19.33 -2.83 12.01
C LYS B 108 17.98 -3.03 11.31
N CYS B 109 17.90 -2.61 10.05
CA CYS B 109 16.62 -2.57 9.34
C CYS B 109 16.34 -3.83 8.55
N GLU B 110 15.46 -4.67 9.09
CA GLU B 110 15.14 -5.93 8.44
C GLU B 110 13.96 -5.81 7.47
N PHE B 111 13.39 -4.61 7.39
CA PHE B 111 12.28 -4.37 6.45
C PHE B 111 12.78 -4.14 5.01
N PHE B 112 14.09 -4.19 4.83
CA PHE B 112 14.66 -4.11 3.49
C PHE B 112 14.87 -5.49 2.90
N ASN B 113 14.45 -6.52 3.65
CA ASN B 113 14.42 -7.89 3.14
C ASN B 113 13.37 -8.00 2.05
N ALA B 114 13.55 -8.96 1.14
CA ALA B 114 12.69 -9.10 -0.04
C ALA B 114 11.19 -9.20 0.27
N GLY B 115 10.86 -9.70 1.45
CA GLY B 115 9.47 -9.81 1.88
C GLY B 115 9.05 -8.69 2.82
N GLY B 116 10.02 -7.94 3.31
CA GLY B 116 9.75 -6.79 4.15
C GLY B 116 9.58 -7.14 5.61
N SER B 117 10.32 -8.14 6.06
CA SER B 117 10.31 -8.56 7.46
C SER B 117 11.57 -9.35 7.80
N VAL B 118 11.82 -9.52 9.09
CA VAL B 118 13.00 -10.26 9.55
C VAL B 118 12.83 -11.76 9.30
N LYS B 119 11.59 -12.21 9.27
CA LYS B 119 11.29 -13.62 9.14
C LYS B 119 11.69 -14.21 7.79
N ASP B 120 11.94 -13.36 6.81
CA ASP B 120 12.45 -13.82 5.53
C ASP B 120 13.78 -14.54 5.72
N ARG B 121 14.50 -14.17 6.78
CA ARG B 121 15.75 -14.84 7.10
C ARG B 121 15.50 -16.28 7.49
N ILE B 122 14.50 -16.51 8.33
CA ILE B 122 14.27 -17.86 8.84
C ILE B 122 13.45 -18.69 7.86
N SER B 123 12.46 -18.05 7.23
CA SER B 123 11.67 -18.69 6.19
C SER B 123 12.59 -19.32 5.14
N LEU B 124 13.68 -18.63 4.81
CA LEU B 124 14.69 -19.18 3.93
C LEU B 124 15.40 -20.35 4.63
N ARG B 125 15.97 -20.06 5.80
CA ARG B 125 16.78 -21.03 6.51
C ARG B 125 16.04 -22.34 6.79
N MET B 126 14.91 -22.24 7.49
CA MET B 126 14.10 -23.41 7.81
C MET B 126 13.86 -24.26 6.56
N ILE B 127 13.71 -23.62 5.42
CA ILE B 127 13.44 -24.37 4.20
C ILE B 127 14.75 -24.96 3.67
N GLU B 128 15.77 -24.13 3.58
CA GLU B 128 17.06 -24.55 3.03
C GLU B 128 17.67 -25.71 3.81
N ASP B 129 17.38 -25.76 5.09
CA ASP B 129 17.80 -26.89 5.93
C ASP B 129 16.99 -28.13 5.56
N ALA B 130 15.67 -27.99 5.57
CA ALA B 130 14.79 -29.12 5.27
C ALA B 130 15.10 -29.68 3.89
N GLU B 131 15.28 -28.78 2.92
CA GLU B 131 15.65 -29.17 1.56
C GLU B 131 16.93 -30.00 1.56
N ARG B 132 17.88 -29.62 2.39
CA ARG B 132 19.12 -30.40 2.50
C ARG B 132 18.85 -31.72 3.20
N ASP B 133 18.06 -31.69 4.27
CA ASP B 133 17.87 -32.87 5.12
C ASP B 133 17.25 -34.03 4.37
N GLY B 134 16.54 -33.71 3.29
CA GLY B 134 15.76 -34.69 2.57
C GLY B 134 14.37 -34.72 3.16
N THR B 135 14.14 -33.86 4.14
CA THR B 135 12.82 -33.75 4.74
C THR B 135 11.88 -33.07 3.75
N LEU B 136 12.41 -32.10 3.01
CA LEU B 136 11.60 -31.34 2.06
C LEU B 136 11.87 -31.75 0.61
N LYS B 137 10.81 -32.16 -0.08
CA LYS B 137 10.90 -32.59 -1.47
C LYS B 137 10.33 -31.52 -2.39
N PRO B 138 10.75 -31.52 -3.65
CA PRO B 138 10.14 -30.66 -4.68
C PRO B 138 8.65 -30.97 -4.88
N GLY B 139 7.82 -29.94 -4.79
CA GLY B 139 6.38 -30.09 -4.98
C GLY B 139 5.62 -30.27 -3.69
N ASP B 140 6.35 -30.32 -2.57
CA ASP B 140 5.74 -30.56 -1.28
C ASP B 140 4.88 -29.41 -0.78
N THR B 141 4.21 -29.64 0.34
CA THR B 141 3.35 -28.64 0.95
C THR B 141 3.96 -28.18 2.27
N ILE B 142 4.06 -26.88 2.47
CA ILE B 142 4.53 -26.34 3.73
C ILE B 142 3.37 -25.73 4.49
N ILE B 143 2.99 -26.36 5.59
CA ILE B 143 1.93 -25.86 6.43
C ILE B 143 2.54 -25.13 7.62
N GLU B 144 2.03 -23.93 7.93
CA GLU B 144 2.48 -23.23 9.13
C GLU B 144 1.31 -22.56 9.85
N PRO B 145 1.29 -22.67 11.20
CA PRO B 145 0.31 -22.02 12.07
C PRO B 145 0.66 -20.57 12.41
N THR B 146 0.87 -19.73 11.41
CA THR B 146 1.31 -18.37 11.65
C THR B 146 0.37 -17.35 11.01
N SER B 147 0.42 -16.13 11.52
CA SER B 147 -0.34 -15.04 10.93
C SER B 147 0.59 -13.89 10.54
N GLY B 148 0.93 -13.83 9.26
CA GLY B 148 1.47 -12.60 8.67
C GLY B 148 2.95 -12.35 8.63
N ASN B 149 3.67 -12.70 9.69
CA ASN B 149 5.08 -12.34 9.72
C ASN B 149 6.02 -13.42 9.19
N THR B 150 5.59 -14.68 9.28
CA THR B 150 6.38 -15.81 8.80
C THR B 150 5.72 -16.41 7.56
N GLY B 151 4.40 -16.39 7.56
CA GLY B 151 3.61 -16.92 6.47
C GLY B 151 3.93 -16.21 5.19
N ILE B 152 4.26 -14.92 5.29
CA ILE B 152 4.66 -14.15 4.12
C ILE B 152 5.99 -14.65 3.56
N GLY B 153 7.01 -14.73 4.43
CA GLY B 153 8.31 -15.21 4.03
C GLY B 153 8.24 -16.62 3.45
N LEU B 154 7.46 -17.47 4.12
CA LEU B 154 7.29 -18.85 3.67
C LEU B 154 6.54 -18.93 2.35
N ALA B 155 5.50 -18.14 2.19
CA ALA B 155 4.68 -18.17 0.99
C ALA B 155 5.47 -17.64 -0.18
N LEU B 156 6.40 -16.74 0.11
CA LEU B 156 7.26 -16.18 -0.93
C LEU B 156 8.24 -17.25 -1.38
N ALA B 157 8.98 -17.83 -0.42
CA ALA B 157 9.94 -18.87 -0.75
C ALA B 157 9.28 -20.05 -1.48
N ALA B 158 8.07 -20.37 -1.03
CA ALA B 158 7.30 -21.46 -1.62
C ALA B 158 6.85 -21.10 -3.03
N ALA B 159 6.47 -19.84 -3.22
CA ALA B 159 6.04 -19.36 -4.52
C ALA B 159 7.19 -19.39 -5.53
N VAL B 160 8.37 -19.00 -5.06
CA VAL B 160 9.56 -19.01 -5.89
C VAL B 160 10.00 -20.43 -6.23
N ARG B 161 9.98 -21.32 -5.25
CA ARG B 161 10.47 -22.68 -5.44
C ARG B 161 9.40 -23.73 -5.77
N GLY B 162 8.16 -23.28 -5.94
CA GLY B 162 7.09 -24.17 -6.40
C GLY B 162 6.50 -25.09 -5.34
N TYR B 163 6.57 -24.70 -4.08
CA TYR B 163 5.92 -25.44 -3.01
C TYR B 163 4.52 -24.90 -2.81
N ARG B 164 3.57 -25.79 -2.55
CA ARG B 164 2.25 -25.36 -2.13
C ARG B 164 2.43 -24.87 -0.71
N CYS B 165 1.82 -23.75 -0.39
CA CYS B 165 1.92 -23.21 0.95
C CYS B 165 0.54 -23.13 1.59
N ILE B 166 0.45 -23.58 2.84
CA ILE B 166 -0.78 -23.49 3.60
C ILE B 166 -0.54 -22.73 4.90
N ILE B 167 -1.17 -21.56 4.99
CA ILE B 167 -1.11 -20.74 6.19
C ILE B 167 -2.42 -20.85 6.95
N VAL B 168 -2.30 -21.25 8.22
CA VAL B 168 -3.48 -21.45 9.04
C VAL B 168 -3.56 -20.36 10.10
N MET B 169 -4.71 -19.71 10.20
CA MET B 169 -4.83 -18.57 11.12
C MET B 169 -6.28 -18.28 11.47
N PRO B 170 -6.52 -17.43 12.48
CA PRO B 170 -7.90 -17.02 12.78
C PRO B 170 -8.62 -16.41 11.57
N GLU B 171 -9.89 -16.09 11.70
CA GLU B 171 -10.62 -15.61 10.53
C GLU B 171 -10.48 -14.10 10.25
N LYS B 172 -10.34 -13.26 11.29
CA LYS B 172 -10.40 -11.81 11.05
C LYS B 172 -9.05 -11.18 10.68
N MET B 173 -8.09 -11.97 10.20
CA MET B 173 -6.78 -11.44 9.88
C MET B 173 -6.77 -10.29 8.93
N SER B 174 -5.85 -9.36 9.23
CA SER B 174 -5.85 -8.06 8.59
C SER B 174 -5.71 -8.20 7.09
N SER B 175 -6.48 -7.41 6.36
CA SER B 175 -6.51 -7.55 4.91
C SER B 175 -5.15 -7.34 4.23
N GLU B 176 -4.22 -6.65 4.89
CA GLU B 176 -2.92 -6.47 4.28
C GLU B 176 -2.22 -7.82 4.13
N LYS B 177 -1.97 -8.47 5.27
CA LYS B 177 -1.30 -9.75 5.31
C LYS B 177 -2.01 -10.80 4.47
N VAL B 178 -3.33 -10.91 4.63
CA VAL B 178 -4.14 -11.85 3.90
C VAL B 178 -4.05 -11.64 2.39
N ASP B 179 -4.08 -10.39 1.95
CA ASP B 179 -3.98 -10.10 0.52
C ASP B 179 -2.59 -10.42 -0.05
N VAL B 180 -1.56 -10.15 0.75
CA VAL B 180 -0.20 -10.52 0.34
C VAL B 180 -0.07 -12.05 0.17
N LEU B 181 -0.62 -12.79 1.14
CA LEU B 181 -0.57 -14.25 1.12
C LEU B 181 -1.30 -14.83 -0.09
N ARG B 182 -2.56 -14.41 -0.26
CA ARG B 182 -3.34 -14.86 -1.42
C ARG B 182 -2.68 -14.48 -2.74
N ALA B 183 -2.00 -13.34 -2.76
CA ALA B 183 -1.29 -12.89 -3.97
C ALA B 183 -0.07 -13.73 -4.28
N LEU B 184 0.63 -14.19 -3.23
CA LEU B 184 1.82 -15.02 -3.40
C LEU B 184 1.47 -16.47 -3.78
N GLY B 185 0.19 -16.81 -3.71
CA GLY B 185 -0.26 -18.13 -4.11
C GLY B 185 -0.58 -19.03 -2.93
N ALA B 186 -0.34 -18.53 -1.73
CA ALA B 186 -0.59 -19.30 -0.52
C ALA B 186 -2.07 -19.53 -0.31
N GLU B 187 -2.40 -20.54 0.49
CA GLU B 187 -3.78 -20.87 0.78
C GLU B 187 -4.05 -20.71 2.27
N ILE B 188 -5.22 -20.17 2.59
CA ILE B 188 -5.51 -19.79 3.96
C ILE B 188 -6.55 -20.71 4.58
N VAL B 189 -6.34 -21.07 5.83
CA VAL B 189 -7.36 -21.80 6.58
C VAL B 189 -7.82 -20.97 7.77
N ARG B 190 -9.08 -20.59 7.76
CA ARG B 190 -9.66 -19.80 8.82
C ARG B 190 -10.09 -20.70 9.97
N THR B 191 -9.47 -20.48 11.12
CA THR B 191 -9.77 -21.23 12.32
C THR B 191 -10.59 -20.34 13.24
N PRO B 192 -11.22 -20.91 14.29
CA PRO B 192 -12.16 -20.07 15.03
C PRO B 192 -11.44 -19.04 15.89
N THR B 193 -12.04 -17.86 16.04
CA THR B 193 -11.44 -16.77 16.80
C THR B 193 -11.24 -17.13 18.26
N ASN B 194 -12.24 -17.78 18.85
CA ASN B 194 -12.14 -18.21 20.23
C ASN B 194 -12.04 -19.73 20.33
N ALA B 195 -10.81 -20.19 20.49
CA ALA B 195 -10.50 -21.60 20.70
C ALA B 195 -9.04 -21.70 21.10
N ARG B 196 -8.77 -22.51 22.11
CA ARG B 196 -7.50 -22.45 22.82
C ARG B 196 -6.30 -23.01 22.07
N PHE B 197 -5.11 -22.69 22.56
CA PHE B 197 -3.89 -23.24 22.04
C PHE B 197 -3.90 -24.76 22.16
N ASP B 198 -4.34 -25.25 23.31
CA ASP B 198 -4.40 -26.69 23.57
C ASP B 198 -5.60 -27.33 22.88
N SER B 199 -6.53 -26.51 22.42
CA SER B 199 -7.75 -26.99 21.76
C SER B 199 -7.45 -27.68 20.43
N PRO B 200 -8.37 -28.53 19.95
CA PRO B 200 -8.12 -29.25 18.70
C PRO B 200 -8.52 -28.41 17.48
N SER B 201 -9.22 -27.31 17.74
CA SER B 201 -9.64 -26.42 16.68
C SER B 201 -9.08 -25.04 16.90
N SER B 202 -7.78 -24.88 16.67
CA SER B 202 -7.12 -23.59 16.84
C SER B 202 -6.36 -23.26 15.59
N HIS B 203 -5.48 -22.28 15.62
CA HIS B 203 -4.68 -21.97 14.45
C HIS B 203 -3.48 -22.92 14.32
N VAL B 204 -3.20 -23.67 15.38
CA VAL B 204 -2.00 -24.52 15.40
C VAL B 204 -2.27 -26.02 15.31
N GLY B 205 -3.16 -26.53 16.16
CA GLY B 205 -3.47 -27.95 16.20
C GLY B 205 -4.03 -28.43 14.88
N VAL B 206 -4.90 -27.60 14.30
CA VAL B 206 -5.53 -27.89 13.02
C VAL B 206 -4.50 -28.01 11.89
N ALA B 207 -3.38 -27.30 12.04
CA ALA B 207 -2.32 -27.33 11.05
C ALA B 207 -1.64 -28.68 11.11
N TRP B 208 -1.56 -29.23 12.33
CA TRP B 208 -0.99 -30.54 12.54
C TRP B 208 -1.93 -31.62 12.02
N ARG B 209 -3.23 -31.39 12.18
CA ARG B 209 -4.23 -32.30 11.61
C ARG B 209 -4.16 -32.33 10.09
N LEU B 210 -3.96 -31.16 9.48
CA LEU B 210 -3.77 -31.10 8.03
C LEU B 210 -2.46 -31.76 7.63
N LYS B 211 -1.42 -31.56 8.45
CA LYS B 211 -0.11 -32.11 8.20
C LYS B 211 -0.17 -33.62 8.13
N ASN B 212 -0.92 -34.21 9.06
CA ASN B 212 -1.13 -35.65 9.07
C ASN B 212 -2.00 -36.08 7.89
N GLU B 213 -3.04 -35.32 7.61
CA GLU B 213 -4.00 -35.69 6.56
C GLU B 213 -3.50 -35.46 5.14
N ILE B 214 -2.68 -34.43 4.94
CA ILE B 214 -2.19 -34.09 3.60
C ILE B 214 -0.84 -34.74 3.29
N PRO B 215 -0.73 -35.42 2.14
CA PRO B 215 0.52 -36.06 1.73
C PRO B 215 1.65 -35.05 1.50
N ASN B 216 2.87 -35.46 1.82
CA ASN B 216 4.06 -34.63 1.61
C ASN B 216 4.06 -33.28 2.31
N SER B 217 3.17 -33.11 3.28
CA SER B 217 3.08 -31.85 4.01
C SER B 217 4.03 -31.84 5.20
N HIS B 218 4.67 -30.70 5.42
CA HIS B 218 5.59 -30.57 6.54
C HIS B 218 5.26 -29.32 7.36
N ILE B 219 5.54 -29.38 8.65
CA ILE B 219 5.46 -28.20 9.49
C ILE B 219 6.86 -27.93 10.03
N LEU B 220 7.40 -26.76 9.67
CA LEU B 220 8.75 -26.40 10.05
C LEU B 220 8.81 -25.96 11.51
N ASP B 221 7.67 -25.49 12.03
CA ASP B 221 7.52 -25.15 13.44
C ASP B 221 8.54 -24.11 13.91
N GLN B 222 8.28 -22.84 13.58
CA GLN B 222 9.19 -21.74 13.88
C GLN B 222 9.54 -21.61 15.36
N TYR B 223 8.68 -22.14 16.23
CA TYR B 223 8.88 -22.04 17.68
C TYR B 223 9.91 -23.06 18.16
N ARG B 224 9.90 -24.24 17.56
CA ARG B 224 10.74 -25.34 18.00
C ARG B 224 11.97 -25.55 17.12
N ASN B 225 11.93 -25.03 15.89
CA ASN B 225 13.00 -25.28 14.94
C ASN B 225 14.29 -24.51 15.26
N ALA B 226 15.40 -25.24 15.31
CA ALA B 226 16.70 -24.65 15.64
C ALA B 226 17.22 -23.76 14.53
N SER B 227 16.66 -23.94 13.33
CA SER B 227 17.01 -23.13 12.17
C SER B 227 16.67 -21.66 12.37
N ASN B 228 15.60 -21.42 13.14
CA ASN B 228 15.20 -20.05 13.47
C ASN B 228 16.30 -19.26 14.20
N PRO B 229 16.70 -19.69 15.41
CA PRO B 229 17.79 -18.93 16.03
C PRO B 229 19.14 -19.12 15.35
N LEU B 230 19.35 -20.23 14.64
CA LEU B 230 20.62 -20.44 13.95
C LEU B 230 20.79 -19.49 12.76
N ALA B 231 19.67 -19.08 12.17
CA ALA B 231 19.72 -18.11 11.08
C ALA B 231 20.35 -16.78 11.53
N HIS B 232 19.92 -16.30 12.69
CA HIS B 232 20.44 -15.06 13.24
C HIS B 232 21.80 -15.25 13.89
N TYR B 233 22.05 -16.43 14.45
CA TYR B 233 23.34 -16.73 15.04
C TYR B 233 24.42 -16.71 13.98
N ASP B 234 24.14 -17.34 12.84
CA ASP B 234 25.12 -17.45 11.78
C ASP B 234 25.26 -16.19 10.94
N THR B 235 24.14 -15.60 10.56
CA THR B 235 24.18 -14.46 9.63
C THR B 235 24.03 -13.10 10.33
N THR B 236 22.83 -12.82 10.82
CA THR B 236 22.50 -11.51 11.39
C THR B 236 23.53 -10.99 12.38
N ALA B 237 23.89 -11.81 13.35
CA ALA B 237 24.85 -11.39 14.36
C ALA B 237 26.24 -11.15 13.80
N ASP B 238 26.59 -11.88 12.74
CA ASP B 238 27.85 -11.65 12.04
C ASP B 238 27.82 -10.35 11.22
N GLU B 239 26.67 -10.03 10.63
CA GLU B 239 26.49 -8.76 9.94
C GLU B 239 26.66 -7.63 10.94
N ILE B 240 25.93 -7.70 12.05
CA ILE B 240 26.04 -6.69 13.09
C ILE B 240 27.48 -6.53 13.59
N LEU B 241 28.20 -7.63 13.72
CA LEU B 241 29.60 -7.54 14.14
C LEU B 241 30.53 -6.98 13.07
N GLN B 242 30.23 -7.25 11.80
CA GLN B 242 31.05 -6.73 10.70
C GLN B 242 30.85 -5.23 10.57
N GLN B 243 29.59 -4.82 10.53
CA GLN B 243 29.21 -3.43 10.34
C GLN B 243 29.67 -2.56 11.51
N CYS B 244 29.73 -3.14 12.70
CA CYS B 244 30.16 -2.38 13.87
C CYS B 244 31.63 -2.61 14.21
N ASP B 245 32.36 -3.24 13.30
CA ASP B 245 33.79 -3.54 13.52
C ASP B 245 34.07 -4.32 14.80
N GLY B 246 33.11 -5.12 15.25
CA GLY B 246 33.28 -5.93 16.43
C GLY B 246 33.08 -5.16 17.73
N LYS B 247 32.73 -3.88 17.60
CA LYS B 247 32.55 -3.05 18.79
C LYS B 247 31.15 -2.42 18.91
N LEU B 248 30.42 -2.85 19.94
CA LEU B 248 29.16 -2.24 20.34
C LEU B 248 28.89 -2.59 21.80
N ASP B 249 28.20 -1.71 22.52
CA ASP B 249 28.07 -1.86 23.97
C ASP B 249 26.67 -2.23 24.46
N MET B 250 25.73 -2.32 23.54
CA MET B 250 24.36 -2.71 23.89
C MET B 250 23.58 -3.11 22.64
N LEU B 251 22.69 -4.09 22.81
CA LEU B 251 21.79 -4.47 21.73
C LEU B 251 20.39 -4.61 22.29
N VAL B 252 19.44 -3.92 21.67
CA VAL B 252 18.06 -3.94 22.10
C VAL B 252 17.19 -4.62 21.04
N ALA B 253 16.48 -5.66 21.45
CA ALA B 253 15.62 -6.41 20.53
C ALA B 253 14.26 -6.73 21.13
N SER B 254 13.23 -6.65 20.29
CA SER B 254 11.88 -7.04 20.71
C SER B 254 11.76 -8.55 20.60
N VAL B 255 11.03 -9.16 21.53
CA VAL B 255 10.98 -10.62 21.62
C VAL B 255 9.67 -11.20 21.07
N GLY B 256 9.80 -12.05 20.06
CA GLY B 256 8.66 -12.79 19.54
C GLY B 256 8.79 -14.26 19.91
N THR B 257 9.03 -15.12 18.91
CA THR B 257 9.36 -16.52 19.18
C THR B 257 10.66 -16.58 19.97
N GLY B 258 11.60 -15.72 19.62
CA GLY B 258 12.79 -15.55 20.42
C GLY B 258 14.06 -16.02 19.74
N GLY B 259 13.93 -16.54 18.53
CA GLY B 259 15.09 -17.03 17.80
C GLY B 259 16.10 -15.94 17.53
N THR B 260 15.60 -14.78 17.11
CA THR B 260 16.44 -13.64 16.76
C THR B 260 17.33 -13.23 17.93
N ILE B 261 16.70 -12.73 18.97
CA ILE B 261 17.41 -12.29 20.17
C ILE B 261 18.30 -13.38 20.76
N THR B 262 17.88 -14.64 20.68
CA THR B 262 18.67 -15.76 21.19
C THR B 262 19.97 -15.94 20.42
N GLY B 263 19.85 -16.20 19.12
CA GLY B 263 21.02 -16.43 18.28
C GLY B 263 21.99 -15.27 18.32
N ILE B 264 21.44 -14.06 18.25
CA ILE B 264 22.26 -12.85 18.33
C ILE B 264 22.98 -12.74 19.68
N ALA B 265 22.22 -12.85 20.76
CA ALA B 265 22.81 -12.74 22.09
C ALA B 265 23.88 -13.79 22.35
N ARG B 266 23.71 -14.98 21.78
CA ARG B 266 24.70 -16.04 21.94
C ARG B 266 25.99 -15.73 21.18
N LYS B 267 25.86 -15.38 19.90
CA LYS B 267 27.03 -14.99 19.10
C LYS B 267 27.78 -13.80 19.72
N LEU B 268 27.02 -12.85 20.23
CA LEU B 268 27.59 -11.66 20.85
C LEU B 268 28.29 -12.01 22.16
N LYS B 269 27.57 -12.67 23.07
CA LYS B 269 28.15 -13.11 24.34
C LYS B 269 29.45 -13.87 24.12
N GLU B 270 29.53 -14.61 23.02
CA GLU B 270 30.77 -15.29 22.66
C GLU B 270 31.87 -14.32 22.20
N LYS B 271 31.57 -13.54 21.17
CA LYS B 271 32.61 -12.74 20.52
C LYS B 271 32.69 -11.29 20.98
N CYS B 272 31.69 -10.83 21.73
CA CYS B 272 31.69 -9.47 22.26
C CYS B 272 31.07 -9.47 23.66
N PRO B 273 31.88 -9.84 24.66
CA PRO B 273 31.38 -10.07 26.03
C PRO B 273 30.73 -8.84 26.65
N GLY B 274 31.35 -7.68 26.49
CA GLY B 274 30.89 -6.46 27.13
C GLY B 274 29.50 -6.02 26.73
N CYS B 275 29.10 -6.37 25.52
CA CYS B 275 27.77 -6.04 25.03
C CYS B 275 26.65 -6.58 25.92
N ARG B 276 25.75 -5.70 26.35
CA ARG B 276 24.58 -6.12 27.12
C ARG B 276 23.40 -6.33 26.19
N ILE B 277 22.63 -7.38 26.45
CA ILE B 277 21.48 -7.70 25.64
C ILE B 277 20.19 -7.32 26.36
N ILE B 278 19.38 -6.49 25.73
CA ILE B 278 18.14 -6.01 26.32
C ILE B 278 16.93 -6.53 25.54
N GLY B 279 16.08 -7.26 26.23
CA GLY B 279 14.89 -7.82 25.63
C GLY B 279 13.66 -6.96 25.88
N VAL B 280 12.77 -6.92 24.90
CA VAL B 280 11.54 -6.15 25.00
C VAL B 280 10.30 -7.04 24.94
N ASP B 281 9.41 -6.84 25.90
CA ASP B 281 8.18 -7.64 25.99
C ASP B 281 6.97 -6.72 26.17
N PRO B 282 5.90 -6.96 25.40
CA PRO B 282 4.69 -6.15 25.62
C PRO B 282 4.05 -6.52 26.94
N GLU B 283 3.14 -5.68 27.45
CA GLU B 283 2.36 -6.05 28.62
C GLU B 283 1.28 -7.04 28.22
N GLY B 284 1.09 -8.07 29.03
CA GLY B 284 0.16 -9.14 28.69
C GLY B 284 0.92 -10.38 28.27
N SER B 285 2.24 -10.23 28.20
CA SER B 285 3.15 -11.31 27.83
C SER B 285 3.91 -11.76 29.06
N ILE B 286 4.21 -13.06 29.15
CA ILE B 286 4.95 -13.56 30.31
C ILE B 286 6.41 -13.85 30.01
N LEU B 287 6.84 -13.54 28.79
CA LEU B 287 8.20 -13.84 28.33
C LEU B 287 9.28 -13.15 29.16
N ALA B 288 8.98 -11.96 29.67
CA ALA B 288 9.97 -11.17 30.38
C ALA B 288 10.28 -11.69 31.78
N GLU B 289 11.52 -11.46 32.22
CA GLU B 289 11.98 -11.86 33.54
C GLU B 289 12.52 -10.66 34.29
N PRO B 290 12.30 -10.59 35.62
CA PRO B 290 11.57 -11.56 36.45
C PRO B 290 10.06 -11.51 36.26
N GLU B 291 9.35 -12.48 36.85
CA GLU B 291 7.91 -12.64 36.63
C GLU B 291 7.10 -11.45 37.15
N GLU B 292 7.68 -10.69 38.09
CA GLU B 292 7.01 -9.55 38.69
C GLU B 292 6.64 -8.48 37.67
N LEU B 293 7.41 -8.40 36.59
CA LEU B 293 7.16 -7.42 35.53
C LEU B 293 5.96 -7.82 34.69
N ASN B 294 5.66 -9.12 34.67
CA ASN B 294 4.62 -9.65 33.79
C ASN B 294 3.20 -9.50 34.32
N GLN B 295 3.07 -8.85 35.48
CA GLN B 295 1.76 -8.67 36.10
C GLN B 295 0.96 -7.55 35.43
N THR B 296 -0.23 -7.90 34.93
CA THR B 296 -1.11 -6.93 34.27
C THR B 296 -2.56 -7.42 34.26
N GLU B 297 -3.47 -6.53 33.92
CA GLU B 297 -4.90 -6.85 33.86
C GLU B 297 -5.26 -7.57 32.56
N GLN B 298 -5.08 -6.89 31.44
CA GLN B 298 -5.42 -7.44 30.13
C GLN B 298 -4.25 -8.17 29.48
N THR B 299 -4.55 -9.23 28.72
CA THR B 299 -3.53 -9.98 28.00
C THR B 299 -3.52 -9.62 26.52
N THR B 300 -4.42 -8.70 26.14
CA THR B 300 -4.58 -8.31 24.74
C THR B 300 -3.85 -7.01 24.41
N TYR B 301 -3.11 -7.02 23.31
CA TYR B 301 -2.39 -5.85 22.85
C TYR B 301 -2.40 -5.74 21.32
N GLU B 302 -2.37 -4.51 20.81
CA GLU B 302 -2.52 -4.27 19.39
C GLU B 302 -1.23 -4.46 18.60
N VAL B 303 -0.09 -4.35 19.28
CA VAL B 303 1.20 -4.56 18.64
C VAL B 303 1.29 -5.99 18.10
N GLU B 304 1.72 -6.11 16.83
CA GLU B 304 1.76 -7.41 16.19
C GLU B 304 3.19 -7.97 16.09
N GLY B 305 3.36 -9.23 16.47
CA GLY B 305 4.62 -9.93 16.28
C GLY B 305 5.44 -10.27 17.52
N ILE B 306 5.06 -9.71 18.67
CA ILE B 306 5.85 -9.91 19.88
C ILE B 306 5.00 -10.40 21.08
N GLY B 307 5.55 -11.30 21.89
CA GLY B 307 5.05 -11.54 23.24
C GLY B 307 4.22 -12.74 23.73
N TYR B 308 3.70 -13.59 22.87
CA TYR B 308 2.64 -14.52 23.31
C TYR B 308 2.88 -15.40 24.58
N ASP B 309 1.75 -15.81 25.20
CA ASP B 309 1.65 -16.48 26.52
C ASP B 309 2.61 -17.60 26.94
N PHE B 310 3.31 -18.20 25.99
CA PHE B 310 4.12 -19.38 26.28
C PHE B 310 5.60 -19.06 26.09
N ILE B 311 6.48 -19.85 26.72
CA ILE B 311 7.92 -19.69 26.53
C ILE B 311 8.42 -20.68 25.48
N PRO B 312 8.67 -20.22 24.25
CA PRO B 312 9.09 -21.13 23.18
C PRO B 312 10.40 -21.87 23.49
N THR B 313 10.61 -22.96 22.77
CA THR B 313 11.80 -23.79 22.94
C THR B 313 13.06 -23.02 22.57
N VAL B 314 13.01 -22.32 21.43
CA VAL B 314 14.18 -21.63 20.89
C VAL B 314 14.63 -20.45 21.73
N LEU B 315 13.74 -19.95 22.59
CA LEU B 315 14.07 -18.81 23.43
C LEU B 315 15.02 -19.17 24.57
N ASP B 316 16.14 -18.48 24.64
CA ASP B 316 17.08 -18.64 25.74
C ASP B 316 17.05 -17.38 26.61
N ARG B 317 16.47 -17.48 27.80
CA ARG B 317 16.34 -16.30 28.66
C ARG B 317 17.53 -16.13 29.59
N THR B 318 18.56 -16.94 29.41
CA THR B 318 19.76 -16.84 30.23
C THR B 318 20.82 -15.96 29.57
N VAL B 319 20.58 -15.61 28.30
CA VAL B 319 21.51 -14.75 27.56
C VAL B 319 21.00 -13.31 27.51
N VAL B 320 19.82 -13.08 28.07
CA VAL B 320 19.24 -11.75 28.12
C VAL B 320 19.57 -11.08 29.46
N ASP B 321 20.34 -9.99 29.41
CA ASP B 321 20.82 -9.32 30.62
C ASP B 321 19.78 -8.49 31.34
N LYS B 322 18.80 -7.97 30.61
CA LYS B 322 17.70 -7.26 31.24
C LYS B 322 16.47 -7.16 30.33
N TRP B 323 15.30 -7.14 30.94
CA TRP B 323 14.04 -7.09 30.20
C TRP B 323 13.29 -5.79 30.47
N PHE B 324 12.54 -5.32 29.49
CA PHE B 324 11.74 -4.11 29.62
C PHE B 324 10.31 -4.31 29.12
N LYS B 325 9.37 -3.70 29.83
CA LYS B 325 7.96 -3.82 29.48
C LYS B 325 7.49 -2.64 28.66
N SER B 326 6.98 -2.89 27.46
CA SER B 326 6.45 -1.81 26.63
C SER B 326 4.94 -1.96 26.47
N ASN B 327 4.28 -0.89 26.06
CA ASN B 327 2.86 -0.94 25.76
C ASN B 327 2.60 -0.56 24.30
N ASP B 328 1.33 -0.48 23.90
CA ASP B 328 0.99 -0.20 22.51
C ASP B 328 1.11 1.29 22.16
N GLU B 329 0.84 2.13 23.15
CA GLU B 329 0.88 3.56 22.95
C GLU B 329 2.27 4.04 22.57
N GLU B 330 3.26 3.77 23.43
CA GLU B 330 4.62 4.20 23.15
C GLU B 330 5.21 3.49 21.93
N ALA B 331 4.73 2.27 21.66
CA ALA B 331 5.12 1.55 20.46
C ALA B 331 4.72 2.34 19.21
N PHE B 332 3.43 2.62 19.09
CA PHE B 332 2.93 3.33 17.91
C PHE B 332 3.42 4.78 17.83
N THR B 333 3.56 5.41 18.98
CA THR B 333 4.07 6.78 19.07
C THR B 333 5.48 6.82 18.50
N PHE B 334 6.35 5.97 19.02
CA PHE B 334 7.73 5.92 18.55
C PHE B 334 7.85 5.42 17.11
N ALA B 335 6.86 4.68 16.64
CA ALA B 335 6.85 4.23 15.25
C ALA B 335 6.59 5.42 14.33
N ARG B 336 5.56 6.20 14.67
CA ARG B 336 5.25 7.42 13.93
C ARG B 336 6.41 8.40 13.99
N MET B 337 7.10 8.43 15.13
CA MET B 337 8.25 9.30 15.32
C MET B 337 9.43 8.86 14.46
N LEU B 338 9.61 7.55 14.31
CA LEU B 338 10.66 7.01 13.44
C LEU B 338 10.40 7.36 11.99
N ILE B 339 9.16 7.16 11.56
CA ILE B 339 8.76 7.46 10.20
C ILE B 339 8.91 8.95 9.90
N ALA B 340 8.37 9.79 10.78
CA ALA B 340 8.39 11.24 10.61
C ALA B 340 9.80 11.81 10.65
N GLN B 341 10.47 11.64 11.78
CA GLN B 341 11.77 12.27 11.97
C GLN B 341 12.91 11.58 11.21
N GLU B 342 12.98 10.27 11.27
CA GLU B 342 14.13 9.56 10.70
C GLU B 342 13.94 9.11 9.25
N GLY B 343 12.70 9.16 8.78
CA GLY B 343 12.38 8.71 7.44
C GLY B 343 12.44 7.20 7.29
N LEU B 344 12.32 6.49 8.42
CA LEU B 344 12.37 5.04 8.42
C LEU B 344 10.96 4.45 8.41
N LEU B 345 10.60 3.81 7.30
CA LEU B 345 9.27 3.20 7.16
C LEU B 345 9.23 1.82 7.80
N CYS B 346 8.62 1.72 8.98
CA CYS B 346 8.68 0.48 9.75
C CYS B 346 7.38 0.21 10.50
N GLY B 347 7.38 -0.84 11.32
CA GLY B 347 6.19 -1.25 12.07
C GLY B 347 6.21 -0.87 13.53
N GLY B 348 5.19 -1.31 14.26
CA GLY B 348 5.02 -0.94 15.67
C GLY B 348 6.01 -1.58 16.62
N SER B 349 6.43 -2.80 16.28
CA SER B 349 7.43 -3.52 17.06
C SER B 349 8.75 -2.73 17.10
N ALA B 350 9.05 -2.07 15.98
CA ALA B 350 10.22 -1.19 15.90
C ALA B 350 10.08 -0.05 16.90
N GLY B 351 8.86 0.48 16.98
CA GLY B 351 8.56 1.52 17.94
C GLY B 351 8.74 1.07 19.37
N SER B 352 8.36 -0.18 19.66
CA SER B 352 8.54 -0.73 20.99
C SER B 352 10.04 -0.83 21.31
N THR B 353 10.77 -1.41 20.37
CA THR B 353 12.21 -1.57 20.48
C THR B 353 12.90 -0.25 20.82
N VAL B 354 12.58 0.79 20.07
CA VAL B 354 13.21 2.10 20.28
C VAL B 354 12.73 2.79 21.55
N ALA B 355 11.43 2.72 21.82
CA ALA B 355 10.86 3.29 23.03
C ALA B 355 11.57 2.75 24.26
N VAL B 356 11.93 1.48 24.21
CA VAL B 356 12.74 0.88 25.25
C VAL B 356 14.18 1.36 25.18
N ALA B 357 14.70 1.47 23.95
CA ALA B 357 16.11 1.84 23.74
C ALA B 357 16.47 3.18 24.36
N VAL B 358 15.58 4.17 24.23
CA VAL B 358 15.85 5.50 24.78
C VAL B 358 15.90 5.48 26.31
N LYS B 359 15.36 4.43 26.91
CA LYS B 359 15.43 4.25 28.36
C LYS B 359 16.68 3.47 28.74
N ALA B 360 16.87 2.32 28.09
CA ALA B 360 17.95 1.39 28.43
C ALA B 360 19.34 1.94 28.12
N ALA B 361 19.43 2.80 27.12
CA ALA B 361 20.73 3.33 26.70
C ALA B 361 21.16 4.56 27.49
N GLN B 362 20.36 4.97 28.46
CA GLN B 362 20.70 6.12 29.30
C GLN B 362 21.96 5.85 30.12
N GLU B 363 22.17 4.59 30.48
CA GLU B 363 23.36 4.20 31.22
C GLU B 363 24.62 4.34 30.38
N LEU B 364 24.46 4.21 29.06
CA LEU B 364 25.59 4.38 28.15
C LEU B 364 26.07 5.83 28.12
N GLN B 365 27.39 6.02 28.03
CA GLN B 365 27.98 7.35 27.96
C GLN B 365 28.41 7.68 26.53
N GLU B 366 29.09 8.82 26.37
CA GLU B 366 29.58 9.27 25.08
C GLU B 366 30.73 8.40 24.59
N GLY B 367 30.71 8.05 23.31
CA GLY B 367 31.75 7.24 22.72
C GLY B 367 31.33 5.79 22.49
N GLN B 368 30.32 5.36 23.22
CA GLN B 368 29.82 3.98 23.12
C GLN B 368 28.84 3.83 21.97
N ARG B 369 28.23 2.64 21.86
CA ARG B 369 27.35 2.33 20.74
C ARG B 369 26.19 1.44 21.18
N CYS B 370 25.02 1.66 20.60
CA CYS B 370 23.86 0.86 20.91
C CYS B 370 23.16 0.48 19.62
N VAL B 371 22.84 -0.79 19.45
CA VAL B 371 22.19 -1.23 18.22
C VAL B 371 20.80 -1.78 18.51
N VAL B 372 19.80 -1.30 17.77
CA VAL B 372 18.44 -1.79 17.93
C VAL B 372 18.00 -2.61 16.73
N ILE B 373 17.06 -3.53 16.94
CA ILE B 373 16.53 -4.33 15.84
C ILE B 373 15.15 -3.85 15.38
N LEU B 374 15.05 -3.44 14.12
CA LEU B 374 13.79 -3.01 13.55
C LEU B 374 13.22 -4.13 12.67
N PRO B 375 12.18 -4.79 13.16
CA PRO B 375 11.68 -6.03 12.55
C PRO B 375 11.06 -5.90 11.16
N ASP B 376 10.06 -5.05 10.99
CA ASP B 376 9.27 -5.07 9.77
C ASP B 376 8.85 -3.70 9.25
N SER B 377 8.20 -3.70 8.08
CA SER B 377 7.85 -2.45 7.40
C SER B 377 6.43 -2.03 7.76
N VAL B 378 6.06 -0.85 7.28
CA VAL B 378 4.74 -0.30 7.52
C VAL B 378 3.69 -0.92 6.58
N ARG B 379 4.15 -1.69 5.60
CA ARG B 379 3.25 -2.26 4.57
C ARG B 379 2.07 -3.04 5.16
N ASN B 380 2.30 -3.73 6.27
CA ASN B 380 1.25 -4.54 6.90
C ASN B 380 0.30 -3.68 7.74
N TYR B 381 0.79 -2.53 8.17
CA TYR B 381 0.04 -1.69 9.10
C TYR B 381 -0.56 -0.45 8.43
N MET B 382 -0.72 -0.50 7.09
CA MET B 382 -1.19 0.64 6.33
C MET B 382 -2.52 1.20 6.85
N THR B 383 -3.42 0.30 7.25
CA THR B 383 -4.75 0.69 7.70
C THR B 383 -4.90 0.65 9.22
N LYS B 384 -3.78 0.46 9.93
CA LYS B 384 -3.83 0.33 11.37
C LYS B 384 -3.19 1.53 12.09
N PHE B 385 -1.91 1.47 12.42
CA PHE B 385 -1.31 2.56 13.17
C PHE B 385 -0.95 3.75 12.28
N LEU B 386 -0.94 3.53 10.98
CA LEU B 386 -0.63 4.57 10.03
C LEU B 386 -1.86 5.46 9.80
N SER B 387 -3.03 4.92 10.08
CA SER B 387 -4.27 5.66 9.91
C SER B 387 -4.60 6.48 11.16
N ASP B 388 -4.78 7.78 10.99
CA ASP B 388 -5.15 8.67 12.09
C ASP B 388 -6.50 8.28 12.67
N ARG B 389 -7.44 7.91 11.80
CA ARG B 389 -8.76 7.47 12.23
C ARG B 389 -8.67 6.29 13.19
N TRP B 390 -7.81 5.33 12.87
CA TRP B 390 -7.62 4.15 13.70
C TRP B 390 -6.99 4.51 15.04
N MET B 391 -5.94 5.33 14.99
CA MET B 391 -5.27 5.81 16.20
C MET B 391 -6.23 6.57 17.12
N LEU B 392 -7.17 7.28 16.50
CA LEU B 392 -8.21 8.00 17.23
C LEU B 392 -9.19 7.02 17.85
N GLN B 393 -9.59 6.03 17.06
CA GLN B 393 -10.59 5.04 17.48
C GLN B 393 -10.16 4.27 18.71
N LYS B 394 -8.91 3.82 18.71
CA LYS B 394 -8.37 3.11 19.86
C LYS B 394 -8.02 4.07 21.00
N GLY B 395 -7.98 5.35 20.68
CA GLY B 395 -7.77 6.38 21.69
C GLY B 395 -6.32 6.64 22.03
N PHE B 396 -5.44 6.40 21.07
CA PHE B 396 -4.00 6.62 21.29
C PHE B 396 -3.63 8.10 21.24
N LEU B 397 -3.80 8.74 20.10
CA LEU B 397 -3.50 10.17 19.99
C LEU B 397 -4.70 11.07 20.36
N LYS B 398 -5.88 10.70 19.89
CA LYS B 398 -7.14 11.36 20.27
C LYS B 398 -7.13 12.89 20.09
N GLU B 399 -6.95 13.34 18.84
CA GLU B 399 -6.99 14.75 18.48
C GLU B 399 -8.33 15.40 18.81
N GLU B 400 -8.32 16.74 18.87
CA GLU B 400 -9.49 17.51 19.30
C GLU B 400 -10.57 17.61 18.23
N ASP B 401 -11.84 17.54 18.67
CA ASP B 401 -13.00 17.76 17.82
C ASP B 401 -14.30 17.63 18.63
N TRP B 408 -18.55 26.49 9.87
CA TRP B 408 -19.05 27.25 11.01
C TRP B 408 -20.18 26.52 11.72
N TRP B 409 -20.79 25.57 11.03
CA TRP B 409 -21.91 24.80 11.57
C TRP B 409 -21.45 23.48 12.21
N TRP B 410 -20.14 23.29 12.32
CA TRP B 410 -19.59 22.00 12.76
C TRP B 410 -20.09 21.61 14.15
N HIS B 411 -20.03 22.53 15.11
CA HIS B 411 -20.57 22.27 16.45
C HIS B 411 -22.06 22.54 16.58
N LEU B 412 -22.70 22.96 15.49
CA LEU B 412 -24.15 23.04 15.46
C LEU B 412 -24.70 21.62 15.59
N ARG B 413 -25.89 21.48 16.17
CA ARG B 413 -26.43 20.14 16.44
C ARG B 413 -27.31 19.62 15.31
N VAL B 414 -27.26 18.31 15.10
CA VAL B 414 -28.01 17.62 14.06
C VAL B 414 -29.51 17.95 14.13
N GLN B 415 -29.97 18.28 15.33
CA GLN B 415 -31.36 18.68 15.61
C GLN B 415 -31.86 19.73 14.62
N GLU B 416 -30.99 20.67 14.27
CA GLU B 416 -31.35 21.78 13.40
C GLU B 416 -31.85 21.33 12.03
N LEU B 417 -31.53 20.10 11.64
CA LEU B 417 -31.91 19.58 10.33
C LEU B 417 -33.43 19.44 10.19
N GLY B 418 -34.10 18.96 11.24
CA GLY B 418 -35.55 18.81 11.20
C GLY B 418 -36.00 17.78 10.20
N LEU B 419 -35.52 16.55 10.36
CA LEU B 419 -35.69 15.50 9.36
C LEU B 419 -37.09 14.89 9.25
N SER B 420 -37.25 13.96 8.31
CA SER B 420 -38.51 13.31 8.00
C SER B 420 -38.93 12.27 9.03
N ALA B 421 -40.22 11.93 9.03
CA ALA B 421 -40.71 10.80 9.81
C ALA B 421 -40.36 9.50 9.11
N PRO B 422 -39.56 8.64 9.79
CA PRO B 422 -38.98 7.41 9.25
C PRO B 422 -39.97 6.46 8.56
N LEU B 423 -39.44 5.77 7.48
CA LEU B 423 -40.11 4.58 6.97
C LEU B 423 -39.31 3.36 7.44
N THR B 424 -39.95 2.52 8.26
CA THR B 424 -39.33 1.35 8.83
C THR B 424 -40.06 0.15 8.24
N VAL B 425 -39.44 -1.02 8.28
CA VAL B 425 -40.07 -2.23 7.77
C VAL B 425 -40.08 -3.34 8.78
N LEU B 426 -41.06 -4.23 8.61
CA LEU B 426 -41.12 -5.48 9.34
C LEU B 426 -40.01 -6.39 8.83
N PRO B 427 -39.47 -7.20 9.72
CA PRO B 427 -38.46 -8.17 9.38
C PRO B 427 -39.09 -9.14 8.43
N THR B 428 -40.34 -9.44 8.73
CA THR B 428 -41.14 -10.41 8.00
C THR B 428 -41.62 -10.00 6.64
N ILE B 429 -41.69 -9.12 5.76
CA ILE B 429 -42.07 -8.96 4.35
C ILE B 429 -40.98 -9.42 3.39
N THR B 430 -41.38 -9.72 2.15
CA THR B 430 -40.48 -10.19 1.11
C THR B 430 -39.49 -9.12 0.65
N CYS B 431 -38.40 -9.56 0.02
CA CYS B 431 -37.40 -8.65 -0.51
C CYS B 431 -37.94 -7.91 -1.73
N GLY B 432 -38.82 -8.58 -2.47
CA GLY B 432 -39.46 -8.00 -3.64
C GLY B 432 -40.37 -6.83 -3.33
N HIS B 433 -41.27 -7.02 -2.37
CA HIS B 433 -42.19 -5.97 -1.96
C HIS B 433 -41.36 -4.85 -1.30
N THR B 434 -40.28 -5.27 -0.63
CA THR B 434 -39.31 -4.36 -0.01
C THR B 434 -38.74 -3.36 -1.03
N ILE B 435 -38.00 -3.86 -2.02
CA ILE B 435 -37.38 -2.95 -2.98
C ILE B 435 -38.45 -2.35 -3.90
N GLU B 436 -39.66 -2.89 -3.83
CA GLU B 436 -40.79 -2.29 -4.53
C GLU B 436 -41.12 -0.95 -3.89
N ILE B 437 -41.32 -0.94 -2.57
CA ILE B 437 -41.53 0.32 -1.85
C ILE B 437 -40.32 1.25 -1.94
N LEU B 438 -39.13 0.69 -1.73
CA LEU B 438 -37.90 1.49 -1.75
C LEU B 438 -37.61 2.04 -3.15
N ARG B 439 -38.21 1.43 -4.18
CA ARG B 439 -38.19 2.00 -5.52
C ARG B 439 -39.25 3.09 -5.66
N GLU B 440 -40.40 2.88 -5.02
CA GLU B 440 -41.50 3.84 -5.10
C GLU B 440 -41.14 5.20 -4.50
N LYS B 441 -40.65 5.20 -3.26
CA LYS B 441 -40.40 6.47 -2.58
C LYS B 441 -38.96 6.98 -2.66
N GLY B 442 -38.08 6.23 -3.33
CA GLY B 442 -36.71 6.66 -3.51
C GLY B 442 -35.90 6.65 -2.23
N PHE B 443 -36.35 5.85 -1.26
CA PHE B 443 -35.61 5.66 -0.03
C PHE B 443 -34.86 4.34 -0.11
N ASP B 444 -33.70 4.26 0.51
CA ASP B 444 -32.84 3.09 0.38
C ASP B 444 -33.02 2.01 1.47
N GLN B 445 -34.00 2.14 2.38
CA GLN B 445 -33.91 1.28 3.58
C GLN B 445 -35.02 0.88 4.58
N ALA B 446 -34.49 0.29 5.65
CA ALA B 446 -35.22 0.22 6.89
C ALA B 446 -34.30 0.35 8.07
N PRO B 447 -34.72 1.07 9.11
CA PRO B 447 -34.38 0.42 10.37
C PRO B 447 -35.17 -0.88 10.38
N VAL B 448 -34.54 -2.04 10.55
CA VAL B 448 -35.32 -3.25 10.59
C VAL B 448 -35.78 -3.40 12.03
N VAL B 449 -37.10 -3.38 12.20
CA VAL B 449 -37.71 -3.28 13.52
C VAL B 449 -38.63 -4.45 13.84
N ASP B 450 -38.85 -4.71 15.12
CA ASP B 450 -39.83 -5.72 15.55
C ASP B 450 -41.22 -5.11 15.64
N GLU B 451 -42.14 -5.85 16.25
CA GLU B 451 -43.51 -5.38 16.41
C GLU B 451 -43.61 -4.33 17.53
N ALA B 452 -42.57 -4.22 18.35
CA ALA B 452 -42.57 -3.29 19.48
C ALA B 452 -41.89 -1.96 19.15
N GLY B 453 -41.34 -1.85 17.95
CA GLY B 453 -40.62 -0.64 17.56
C GLY B 453 -39.13 -0.76 17.85
N VAL B 454 -38.73 -1.85 18.48
CA VAL B 454 -37.33 -2.13 18.79
C VAL B 454 -36.51 -2.36 17.51
N ILE B 455 -35.40 -1.64 17.37
CA ILE B 455 -34.53 -1.82 16.21
C ILE B 455 -33.91 -3.21 16.21
N LEU B 456 -34.17 -3.98 15.15
CA LEU B 456 -33.52 -5.27 14.97
C LEU B 456 -32.28 -5.15 14.08
N GLY B 457 -32.11 -3.98 13.48
CA GLY B 457 -30.99 -3.77 12.56
C GLY B 457 -31.27 -2.68 11.55
N MET B 458 -30.64 -2.77 10.38
CA MET B 458 -31.02 -1.95 9.23
C MET B 458 -30.87 -2.76 7.95
N VAL B 459 -31.50 -2.30 6.86
CA VAL B 459 -31.28 -2.92 5.55
C VAL B 459 -31.19 -1.85 4.47
N THR B 460 -30.17 -2.01 3.60
CA THR B 460 -29.91 -1.10 2.48
C THR B 460 -29.92 -1.86 1.15
N LEU B 461 -30.00 -1.12 0.04
CA LEU B 461 -30.12 -1.72 -1.29
C LEU B 461 -28.87 -2.51 -1.71
N GLY B 462 -27.70 -1.87 -1.63
CA GLY B 462 -26.45 -2.48 -2.04
C GLY B 462 -26.15 -3.80 -1.34
N ASN B 463 -26.42 -3.85 -0.04
CA ASN B 463 -26.29 -5.06 0.75
C ASN B 463 -27.15 -6.19 0.20
N MET B 464 -28.42 -5.88 -0.02
CA MET B 464 -29.35 -6.79 -0.69
C MET B 464 -28.79 -7.32 -2.01
N LEU B 465 -28.25 -6.40 -2.81
CA LEU B 465 -27.75 -6.73 -4.13
C LEU B 465 -26.56 -7.68 -4.10
N SER B 466 -25.58 -7.38 -3.25
CA SER B 466 -24.43 -8.26 -3.10
C SER B 466 -24.83 -9.60 -2.50
N SER B 467 -25.87 -9.58 -1.66
CA SER B 467 -26.44 -10.80 -1.11
C SER B 467 -27.10 -11.63 -2.21
N LEU B 468 -27.53 -10.95 -3.27
CA LEU B 468 -28.11 -11.61 -4.44
C LEU B 468 -27.04 -12.16 -5.38
N LEU B 469 -25.95 -11.41 -5.54
CA LEU B 469 -24.83 -11.85 -6.36
C LEU B 469 -24.21 -13.12 -5.81
N ALA B 470 -24.15 -13.20 -4.48
CA ALA B 470 -23.69 -14.41 -3.81
C ALA B 470 -24.75 -15.51 -3.94
N GLY B 471 -26.01 -15.10 -4.15
CA GLY B 471 -27.10 -16.03 -4.34
C GLY B 471 -27.63 -16.57 -3.03
N LYS B 472 -27.36 -15.86 -1.94
CA LYS B 472 -27.75 -16.32 -0.61
C LYS B 472 -29.18 -15.92 -0.27
N VAL B 473 -29.76 -15.03 -1.09
CA VAL B 473 -31.16 -14.63 -0.94
C VAL B 473 -31.87 -14.53 -2.29
N GLN B 474 -33.19 -14.54 -2.26
CA GLN B 474 -34.01 -14.35 -3.45
C GLN B 474 -35.29 -13.60 -3.07
N PRO B 475 -35.93 -12.90 -4.04
CA PRO B 475 -37.12 -12.08 -3.80
C PRO B 475 -38.22 -12.75 -2.97
N SER B 476 -38.35 -14.07 -3.07
CA SER B 476 -39.36 -14.81 -2.32
C SER B 476 -39.18 -14.71 -0.81
N ASP B 477 -38.02 -15.11 -0.32
CA ASP B 477 -37.79 -15.23 1.13
C ASP B 477 -37.75 -13.89 1.87
N GLN B 478 -37.92 -13.96 3.19
CA GLN B 478 -38.03 -12.78 4.06
C GLN B 478 -36.81 -11.86 4.00
N VAL B 479 -37.04 -10.57 4.20
CA VAL B 479 -35.98 -9.57 4.22
C VAL B 479 -35.19 -9.67 5.53
N GLY B 480 -35.76 -10.34 6.52
CA GLY B 480 -35.16 -10.48 7.83
C GLY B 480 -33.78 -11.14 7.83
N LYS B 481 -33.46 -11.81 6.73
CA LYS B 481 -32.17 -12.47 6.59
C LYS B 481 -31.05 -11.51 6.20
N VAL B 482 -31.40 -10.43 5.49
CA VAL B 482 -30.36 -9.56 4.92
C VAL B 482 -29.99 -8.40 5.84
N ILE B 483 -30.50 -8.41 7.08
CA ILE B 483 -30.32 -7.30 8.01
C ILE B 483 -28.85 -6.86 8.13
N TYR B 484 -28.63 -5.56 7.95
CA TYR B 484 -27.29 -5.00 7.90
C TYR B 484 -26.97 -4.34 9.24
N LYS B 485 -26.10 -4.96 10.01
CA LYS B 485 -25.80 -4.50 11.37
C LYS B 485 -24.54 -3.65 11.45
N GLN B 486 -23.85 -3.48 10.32
CA GLN B 486 -22.53 -2.84 10.34
C GLN B 486 -22.55 -1.34 10.05
N PHE B 487 -23.75 -0.76 9.95
CA PHE B 487 -23.86 0.69 9.80
C PHE B 487 -23.50 1.35 11.13
N LYS B 488 -23.52 2.69 11.16
CA LYS B 488 -23.28 3.40 12.41
C LYS B 488 -24.53 4.13 12.88
N GLN B 489 -24.71 4.20 14.20
CA GLN B 489 -25.83 4.93 14.76
C GLN B 489 -25.37 6.20 15.47
N ILE B 490 -25.71 7.36 14.91
CA ILE B 490 -25.64 8.61 15.66
C ILE B 490 -26.96 9.37 15.47
N ARG B 491 -27.23 10.26 16.44
CA ARG B 491 -28.54 10.85 16.72
C ARG B 491 -28.55 12.39 16.89
N LEU B 492 -29.69 12.91 17.37
CA LEU B 492 -29.98 14.35 17.48
C LEU B 492 -28.92 15.24 18.15
N THR B 493 -28.46 14.86 19.34
CA THR B 493 -27.64 15.72 20.17
C THR B 493 -26.18 15.72 19.73
N ASP B 494 -25.90 14.97 18.68
CA ASP B 494 -24.56 14.84 18.14
C ASP B 494 -24.19 16.06 17.30
N THR B 495 -22.89 16.31 17.17
CA THR B 495 -22.41 17.42 16.36
C THR B 495 -22.50 17.11 14.86
N LEU B 496 -22.56 18.15 14.03
CA LEU B 496 -22.63 17.97 12.58
C LEU B 496 -21.28 17.55 11.99
N GLY B 497 -20.20 17.75 12.74
CA GLY B 497 -18.89 17.34 12.31
C GLY B 497 -18.71 15.83 12.26
N ARG B 498 -19.05 15.17 13.37
CA ARG B 498 -19.01 13.72 13.46
C ARG B 498 -19.91 13.09 12.40
N LEU B 499 -21.10 13.67 12.25
CA LEU B 499 -22.02 13.26 11.20
C LEU B 499 -21.38 13.37 9.84
N SER B 500 -20.73 14.50 9.58
CA SER B 500 -20.02 14.72 8.32
C SER B 500 -18.98 13.63 8.08
N HIS B 501 -18.21 13.32 9.12
CA HIS B 501 -17.23 12.24 9.07
C HIS B 501 -17.87 10.94 8.59
N ILE B 502 -18.98 10.57 9.22
CA ILE B 502 -19.71 9.36 8.84
C ILE B 502 -20.25 9.43 7.41
N LEU B 503 -20.65 10.64 6.98
CA LEU B 503 -21.25 10.82 5.66
C LEU B 503 -20.22 10.69 4.53
N GLU B 504 -18.96 11.07 4.78
CA GLU B 504 -17.93 10.74 3.81
C GLU B 504 -17.46 9.30 3.99
N MET B 505 -17.72 8.74 5.17
CA MET B 505 -17.45 7.32 5.41
C MET B 505 -18.55 6.42 4.87
N ASP B 506 -19.80 6.73 5.17
CA ASP B 506 -20.94 5.88 4.81
C ASP B 506 -22.04 6.66 4.08
N HIS B 507 -23.16 6.00 3.85
CA HIS B 507 -24.28 6.61 3.14
C HIS B 507 -25.24 7.32 4.09
N PHE B 508 -25.09 7.07 5.39
CA PHE B 508 -26.11 7.45 6.38
C PHE B 508 -25.74 7.16 7.85
N ALA B 509 -26.46 7.82 8.76
CA ALA B 509 -26.38 7.55 10.20
C ALA B 509 -27.82 7.56 10.76
N LEU B 510 -28.04 7.25 12.04
CA LEU B 510 -29.43 6.98 12.41
C LEU B 510 -29.86 7.66 13.68
N VAL B 511 -30.75 8.63 13.54
CA VAL B 511 -31.12 9.44 14.69
C VAL B 511 -32.05 8.63 15.58
N VAL B 512 -31.60 8.42 16.81
CA VAL B 512 -32.38 7.67 17.78
C VAL B 512 -32.85 8.64 18.86
N HIS B 513 -33.98 8.34 19.47
CA HIS B 513 -34.46 9.13 20.61
C HIS B 513 -33.35 9.18 21.65
N GLU B 514 -33.06 10.39 22.13
CA GLU B 514 -31.78 10.72 22.76
C GLU B 514 -31.32 9.78 23.88
N GLN B 515 -32.18 9.60 24.89
CA GLN B 515 -31.80 8.80 26.06
C GLN B 515 -32.27 7.36 25.95
N GLN B 516 -33.86 6.83 23.51
CA GLN B 516 -34.07 5.39 23.55
C GLN B 516 -33.42 4.74 22.32
N ARG B 517 -32.32 4.03 22.55
CA ARG B 517 -31.47 3.52 21.47
C ARG B 517 -32.15 2.48 20.60
N GLN B 518 -33.28 1.96 21.06
CA GLN B 518 -34.09 1.01 20.30
C GLN B 518 -35.15 1.74 19.47
N MET B 519 -35.20 3.06 19.63
CA MET B 519 -36.18 3.90 18.96
C MET B 519 -35.56 4.66 17.78
N VAL B 520 -36.32 4.83 16.70
CA VAL B 520 -35.86 5.59 15.54
C VAL B 520 -36.64 6.89 15.34
N PHE B 521 -35.97 8.03 15.53
CA PHE B 521 -36.60 9.32 15.32
C PHE B 521 -36.63 9.72 13.83
N GLY B 522 -35.60 9.31 13.09
CA GLY B 522 -35.48 9.67 11.68
C GLY B 522 -34.24 9.12 10.99
N VAL B 523 -34.14 9.40 9.69
CA VAL B 523 -33.01 8.96 8.88
C VAL B 523 -32.29 10.14 8.23
N VAL B 524 -30.97 10.22 8.41
CA VAL B 524 -30.19 11.36 7.91
C VAL B 524 -29.25 10.97 6.76
N THR B 525 -29.22 11.79 5.71
CA THR B 525 -28.26 11.63 4.61
C THR B 525 -27.61 12.96 4.27
N ALA B 526 -26.74 12.97 3.27
CA ALA B 526 -25.99 14.17 2.92
C ALA B 526 -26.86 15.26 2.31
N ILE B 527 -27.96 14.85 1.68
CA ILE B 527 -28.81 15.81 0.98
C ILE B 527 -29.51 16.77 1.94
N ASP B 528 -29.85 16.31 3.15
CA ASP B 528 -30.52 17.18 4.11
C ASP B 528 -29.54 18.15 4.77
N LEU B 529 -28.29 17.72 4.92
CA LEU B 529 -27.24 18.58 5.43
C LEU B 529 -26.92 19.67 4.41
N LEU B 530 -26.75 19.26 3.15
CA LEU B 530 -26.56 20.20 2.06
C LEU B 530 -27.77 21.13 1.95
N ASN B 531 -28.95 20.60 2.30
CA ASN B 531 -30.16 21.41 2.35
C ASN B 531 -30.02 22.50 3.39
N PHE B 532 -29.58 22.13 4.58
CA PHE B 532 -29.37 23.06 5.68
C PHE B 532 -28.36 24.17 5.33
N VAL B 533 -27.19 23.75 4.83
CA VAL B 533 -26.12 24.68 4.49
C VAL B 533 -26.51 25.62 3.36
N ALA B 534 -26.98 25.06 2.25
CA ALA B 534 -27.40 25.88 1.11
C ALA B 534 -28.58 26.77 1.48
N ALA B 535 -29.34 26.34 2.48
CA ALA B 535 -30.44 27.15 2.98
C ALA B 535 -29.91 28.34 3.77
N GLN B 536 -29.00 28.14 4.72
CA GLN B 536 -28.69 29.30 5.55
C GLN B 536 -27.49 30.05 5.03
N GLU B 537 -26.94 29.67 3.90
CA GLU B 537 -26.00 30.53 3.16
C GLU B 537 -26.54 31.01 1.83
#